data_7UUO
#
_entry.id   7UUO
#
_cell.length_a   108.292
_cell.length_b   108.292
_cell.length_c   87.726
_cell.angle_alpha   90.000
_cell.angle_beta   90.000
_cell.angle_gamma   120.000
#
_symmetry.space_group_name_H-M   'P 3'
#
loop_
_entity.id
_entity.type
_entity.pdbx_description
1 polymer 'Aminocyclitol acetyltransferase ApmA'
2 non-polymer TOBRAMYCIN
3 non-polymer 1,2-ETHANEDIOL
4 non-polymer 'COENZYME A'
5 water water
#
_entity_poly.entity_id   1
_entity_poly.type   'polypeptide(L)'
_entity_poly.pdbx_seq_one_letter_code
;QGMKTRLEQVLERYLNGREVAVWGVPTRRLLRALKPFKFHTADRVDPQYHYVVAVTDDDLTDFLSDEQSKSFQYANDYLT
FDDEGGELPFERMCFNVPVGRQTYFGDGVVGACENGYIKSIGQFTSINGTAEIHANAQLNMTFVSDDIQNFFNEESMAVF
QEKLRKDPKHPYAYSKEPMTIGSDVYIGAHAFINASTVTSIGDGAIIGSGAVVLENVPPFAVVVGVPARIKRYRFSKEMI
ETLLRVKWWDWSIEEINENVDALISPELFMKKYGSL
;
_entity_poly.pdbx_strand_id   A,B,C
#
loop_
_chem_comp.id
_chem_comp.type
_chem_comp.name
_chem_comp.formula
COA non-polymer 'COENZYME A' 'C21 H36 N7 O16 P3 S'
EDO non-polymer 1,2-ETHANEDIOL 'C2 H6 O2'
TOY non-polymer TOBRAMYCIN 'C18 H37 N5 O9'
#
# COMPACT_ATOMS: atom_id res chain seq x y z
N GLY A 2 5.34 3.91 26.32
CA GLY A 2 4.81 4.55 25.13
C GLY A 2 5.80 4.62 23.99
N MET A 3 5.33 5.03 22.81
CA MET A 3 6.12 4.91 21.60
C MET A 3 6.35 6.20 20.86
N LYS A 4 5.43 7.17 20.89
CA LYS A 4 5.54 8.25 19.94
C LYS A 4 5.39 9.64 20.54
N THR A 5 5.91 10.58 19.77
CA THR A 5 6.16 11.96 20.19
C THR A 5 4.91 12.80 20.01
N ARG A 6 4.68 13.71 20.97
CA ARG A 6 3.59 14.67 20.82
C ARG A 6 3.74 15.46 19.52
N LEU A 7 4.98 15.80 19.16
CA LEU A 7 5.20 16.55 17.92
C LEU A 7 4.85 15.70 16.70
N GLU A 8 5.24 14.42 16.71
CA GLU A 8 5.04 13.58 15.54
C GLU A 8 3.55 13.33 15.29
N GLN A 9 2.77 13.17 16.37
CA GLN A 9 1.32 13.08 16.21
C GLN A 9 0.76 14.32 15.54
N VAL A 10 1.36 15.48 15.82
CA VAL A 10 0.93 16.71 15.15
C VAL A 10 1.40 16.71 13.70
N LEU A 11 2.68 16.42 13.49
CA LEU A 11 3.22 16.42 12.12
C LEU A 11 2.50 15.40 11.24
N GLU A 12 2.13 14.25 11.80
CA GLU A 12 1.40 13.26 11.02
C GLU A 12 0.03 13.76 10.58
N ARG A 13 -0.49 14.78 11.26
CA ARG A 13 -1.81 15.30 11.01
C ARG A 13 -1.80 16.66 10.33
N TYR A 14 -0.80 17.50 10.59
CA TYR A 14 -0.83 18.87 10.12
C TYR A 14 0.31 19.27 9.20
N LEU A 15 1.34 18.43 9.04
CA LEU A 15 2.48 18.84 8.24
C LEU A 15 2.06 19.16 6.81
N ASN A 16 1.32 18.25 6.18
CA ASN A 16 0.72 18.50 4.88
C ASN A 16 1.78 18.86 3.84
N GLY A 17 2.81 18.03 3.76
CA GLY A 17 3.82 18.18 2.73
C GLY A 17 4.68 19.43 2.80
N ARG A 18 4.77 20.06 3.97
CA ARG A 18 5.67 21.18 4.19
C ARG A 18 6.96 20.68 4.81
N GLU A 19 7.96 21.56 4.83
CA GLU A 19 9.20 21.26 5.52
C GLU A 19 9.11 21.69 6.97
N VAL A 20 9.72 20.93 7.85
CA VAL A 20 9.87 21.35 9.23
C VAL A 20 10.98 22.39 9.28
N ALA A 21 10.73 23.52 9.93
CA ALA A 21 11.74 24.55 10.14
C ALA A 21 12.06 24.58 11.62
N VAL A 22 13.25 24.11 11.99
CA VAL A 22 13.63 24.05 13.39
C VAL A 22 14.02 25.45 13.84
N TRP A 23 13.33 25.95 14.85
CA TRP A 23 13.62 27.25 15.46
C TRP A 23 14.23 26.95 16.83
N GLY A 24 15.56 26.86 16.86
CA GLY A 24 16.23 26.57 18.11
C GLY A 24 17.38 25.60 17.95
N VAL A 25 18.14 25.35 18.99
CA VAL A 25 19.26 24.40 18.89
C VAL A 25 18.68 22.99 18.88
N PRO A 26 19.01 22.18 17.87
CA PRO A 26 18.42 20.84 17.79
C PRO A 26 19.02 19.90 18.83
N THR A 27 18.15 19.08 19.39
CA THR A 27 18.57 18.10 20.37
C THR A 27 18.65 16.73 19.72
N ARG A 28 19.19 15.78 20.49
CA ARG A 28 19.33 14.42 20.01
C ARG A 28 17.98 13.80 19.68
N ARG A 29 17.03 13.89 20.61
CA ARG A 29 15.76 13.22 20.40
C ARG A 29 14.82 13.99 19.48
N LEU A 30 15.04 15.30 19.32
CA LEU A 30 14.36 16.01 18.24
C LEU A 30 14.82 15.48 16.90
N LEU A 31 16.14 15.49 16.66
CA LEU A 31 16.71 15.02 15.41
C LEU A 31 16.18 13.63 15.03
N ARG A 32 15.85 12.81 16.03
CA ARG A 32 15.29 11.49 15.77
C ARG A 32 13.82 11.57 15.41
N ALA A 33 13.04 12.33 16.20
CA ALA A 33 11.62 12.49 15.92
C ALA A 33 11.37 13.09 14.54
N LEU A 34 12.35 13.76 13.97
CA LEU A 34 12.22 14.44 12.69
C LEU A 34 12.79 13.65 11.52
N LYS A 35 13.42 12.51 11.77
CA LYS A 35 14.05 11.74 10.71
C LYS A 35 13.08 11.18 9.67
N PRO A 36 11.78 10.98 9.97
CA PRO A 36 10.84 10.63 8.90
C PRO A 36 10.48 11.78 7.98
N PHE A 37 10.82 13.01 8.33
CA PHE A 37 10.43 14.19 7.59
C PHE A 37 11.64 14.92 7.03
N LYS A 38 11.37 15.88 6.15
CA LYS A 38 12.38 16.80 5.68
C LYS A 38 12.42 18.00 6.63
N PHE A 39 13.61 18.38 7.06
CA PHE A 39 13.74 19.51 7.98
C PHE A 39 15.02 20.27 7.68
N HIS A 40 15.08 21.48 8.20
CA HIS A 40 16.29 22.30 8.15
C HIS A 40 16.15 23.39 9.19
N THR A 41 17.30 23.95 9.56
CA THR A 41 17.30 25.03 10.54
C THR A 41 16.55 26.22 9.98
N ALA A 42 15.70 26.81 10.82
CA ALA A 42 14.83 27.89 10.37
C ALA A 42 15.65 29.11 9.98
N ASP A 43 15.34 29.69 8.82
CA ASP A 43 15.96 30.93 8.38
C ASP A 43 14.83 31.91 8.14
N ARG A 44 14.35 32.03 6.90
CA ARG A 44 13.10 32.71 6.61
C ARG A 44 12.00 31.67 6.51
N VAL A 45 10.86 31.96 7.13
CA VAL A 45 9.77 30.99 7.24
C VAL A 45 8.51 31.58 6.62
N ASP A 46 7.52 30.71 6.44
CA ASP A 46 6.29 30.99 5.70
C ASP A 46 5.31 29.86 5.97
N PRO A 47 4.11 30.13 6.51
CA PRO A 47 3.19 29.01 6.78
C PRO A 47 2.88 28.17 5.57
N GLN A 48 2.96 28.75 4.37
CA GLN A 48 2.76 27.94 3.18
C GLN A 48 3.90 26.94 2.99
N TYR A 49 5.14 27.36 3.23
CA TYR A 49 6.27 26.50 2.95
C TYR A 49 6.64 25.57 4.10
N HIS A 50 6.62 26.06 5.33
CA HIS A 50 7.25 25.32 6.42
C HIS A 50 6.32 25.14 7.61
N TYR A 51 6.68 24.16 8.43
CA TYR A 51 6.15 24.01 9.77
C TYR A 51 7.26 24.38 10.74
N VAL A 52 7.07 25.44 11.50
CA VAL A 52 8.09 25.86 12.46
C VAL A 52 8.00 25.00 13.70
N VAL A 53 9.12 24.42 14.09
CA VAL A 53 9.23 23.65 15.32
C VAL A 53 10.19 24.40 16.23
N ALA A 54 9.66 24.96 17.31
CA ALA A 54 10.48 25.53 18.36
C ALA A 54 10.90 24.43 19.32
N VAL A 55 12.20 24.33 19.61
CA VAL A 55 12.67 23.23 20.44
C VAL A 55 12.16 23.39 21.87
N THR A 56 12.51 24.48 22.54
CA THR A 56 12.10 24.68 23.92
C THR A 56 11.08 25.80 24.01
N ASP A 57 10.32 25.80 25.12
CA ASP A 57 9.42 26.91 25.39
C ASP A 57 10.17 28.22 25.33
N ASP A 58 11.43 28.20 25.77
CA ASP A 58 12.31 29.35 25.56
C ASP A 58 12.37 29.72 24.08
N ASP A 59 12.56 28.73 23.20
CA ASP A 59 12.65 29.01 21.77
C ASP A 59 11.31 29.45 21.18
N LEU A 60 10.21 29.04 21.80
CA LEU A 60 8.89 29.44 21.30
C LEU A 60 8.66 30.93 21.50
N THR A 61 9.00 31.43 22.69
CA THR A 61 8.80 32.86 22.98
C THR A 61 9.54 33.72 21.97
N ASP A 62 10.73 33.29 21.54
CA ASP A 62 11.49 34.07 20.57
C ASP A 62 10.84 34.07 19.20
N PHE A 63 10.24 32.93 18.80
CA PHE A 63 9.58 32.86 17.50
C PHE A 63 8.33 33.72 17.50
N LEU A 64 7.47 33.57 18.52
CA LEU A 64 6.26 34.39 18.60
C LEU A 64 6.61 35.87 18.59
N SER A 65 7.72 36.24 19.24
CA SER A 65 8.14 37.63 19.25
C SER A 65 8.76 38.07 17.93
N ASP A 66 8.98 37.15 16.99
CA ASP A 66 9.44 37.50 15.65
C ASP A 66 8.24 37.82 14.76
N GLU A 67 8.41 38.78 13.86
CA GLU A 67 7.31 39.21 13.00
C GLU A 67 6.86 38.10 12.06
N GLN A 68 7.70 37.12 11.78
CA GLN A 68 7.30 36.03 10.91
C GLN A 68 6.29 35.10 11.56
N SER A 69 6.08 35.19 12.86
CA SER A 69 5.20 34.24 13.54
C SER A 69 3.73 34.63 13.47
N LYS A 70 3.40 35.84 13.00
CA LYS A 70 2.02 36.29 13.08
C LYS A 70 1.09 35.53 12.14
N SER A 71 1.63 34.84 11.15
CA SER A 71 0.82 34.07 10.22
C SER A 71 0.65 32.60 10.61
N PHE A 72 1.40 32.12 11.61
CA PHE A 72 1.37 30.71 11.99
C PHE A 72 0.31 30.50 13.09
N GLN A 73 -0.61 29.56 12.85
CA GLN A 73 -1.62 29.23 13.85
C GLN A 73 -1.04 28.23 14.86
N TYR A 74 -1.62 28.26 16.07
CA TYR A 74 -0.98 27.67 17.25
C TYR A 74 -0.43 26.28 16.99
N ALA A 75 -1.26 25.36 16.51
CA ALA A 75 -0.81 23.98 16.35
C ALA A 75 -0.73 23.54 14.91
N ASN A 76 -1.58 24.09 14.04
CA ASN A 76 -1.57 23.73 12.64
C ASN A 76 -0.25 24.09 11.96
N ASP A 77 0.51 25.06 12.49
CA ASP A 77 1.70 25.56 11.81
C ASP A 77 2.96 25.57 12.64
N TYR A 78 2.88 25.61 13.96
CA TYR A 78 4.07 25.56 14.79
C TYR A 78 3.77 24.73 16.02
N LEU A 79 4.85 24.38 16.73
CA LEU A 79 4.71 23.58 17.94
C LEU A 79 6.02 23.68 18.71
N THR A 80 5.93 23.42 20.00
CA THR A 80 7.08 23.40 20.88
C THR A 80 7.46 21.95 21.15
N PHE A 81 8.65 21.54 20.71
CA PHE A 81 9.06 20.15 20.91
C PHE A 81 9.11 19.80 22.39
N ASP A 82 9.76 20.63 23.20
CA ASP A 82 9.94 20.36 24.63
C ASP A 82 8.69 20.74 25.41
N ASP A 83 7.58 20.08 25.08
CA ASP A 83 6.31 20.32 25.77
C ASP A 83 5.37 19.14 25.53
N GLU A 84 5.76 17.95 25.99
CA GLU A 84 4.93 16.76 25.79
C GLU A 84 3.61 16.84 26.54
N GLY A 85 3.51 17.69 27.56
CA GLY A 85 2.26 17.89 28.24
C GLY A 85 1.39 18.98 27.67
N GLY A 86 1.85 19.66 26.62
CA GLY A 86 1.08 20.74 26.05
C GLY A 86 -0.24 20.27 25.49
N GLU A 87 -1.17 21.22 25.38
CA GLU A 87 -2.52 20.94 24.91
C GLU A 87 -2.57 20.90 23.38
N LEU A 88 -3.54 20.15 22.87
CA LEU A 88 -3.75 20.03 21.45
C LEU A 88 -5.25 20.13 21.17
N PRO A 89 -5.63 20.48 19.93
CA PRO A 89 -7.05 20.52 19.58
C PRO A 89 -7.67 19.16 19.33
N PHE A 90 -6.89 18.07 19.39
CA PHE A 90 -7.44 16.74 19.16
C PHE A 90 -6.93 15.78 20.23
N GLU A 91 -7.58 14.63 20.30
CA GLU A 91 -7.18 13.61 21.26
C GLU A 91 -5.84 13.02 20.87
N ARG A 92 -5.00 12.80 21.88
CA ARG A 92 -3.61 12.46 21.64
C ARG A 92 -3.13 11.44 22.66
N MET A 93 -1.90 10.99 22.47
CA MET A 93 -1.24 10.08 23.38
C MET A 93 -0.07 10.78 24.07
N CYS A 94 0.09 10.49 25.36
CA CYS A 94 1.30 10.81 26.10
C CYS A 94 1.91 9.46 26.47
N PHE A 95 2.94 9.05 25.73
CA PHE A 95 3.40 7.67 25.74
C PHE A 95 2.23 6.82 25.25
N ASN A 96 1.59 6.01 26.10
CA ASN A 96 0.40 5.32 25.63
C ASN A 96 -0.81 5.64 26.50
N VAL A 97 -0.99 6.91 26.80
CA VAL A 97 -1.99 7.37 27.74
C VAL A 97 -2.95 8.32 27.00
N PRO A 98 -4.25 8.05 27.01
CA PRO A 98 -5.20 8.96 26.34
C PRO A 98 -5.25 10.32 27.03
N VAL A 99 -5.10 11.36 26.22
CA VAL A 99 -5.20 12.74 26.69
C VAL A 99 -6.12 13.47 25.73
N GLY A 100 -7.24 14.00 26.26
CA GLY A 100 -8.26 14.61 25.45
C GLY A 100 -7.85 15.98 24.92
N ARG A 101 -8.81 16.63 24.26
CA ARG A 101 -8.54 17.89 23.61
C ARG A 101 -8.43 19.02 24.63
N GLN A 102 -7.53 19.97 24.35
CA GLN A 102 -7.30 21.13 25.19
C GLN A 102 -7.09 20.73 26.65
N THR A 103 -6.23 19.73 26.84
CA THR A 103 -5.80 19.27 28.14
C THR A 103 -4.29 19.44 28.26
N TYR A 104 -3.82 19.84 29.44
CA TYR A 104 -2.40 20.09 29.61
C TYR A 104 -1.95 19.68 31.01
N PHE A 105 -0.66 19.41 31.13
CA PHE A 105 -0.06 19.02 32.40
C PHE A 105 1.44 19.22 32.33
N GLY A 106 2.07 19.23 33.50
CA GLY A 106 3.50 19.43 33.58
C GLY A 106 4.28 18.14 33.41
N ASP A 107 5.61 18.28 33.51
CA ASP A 107 6.47 17.11 33.33
C ASP A 107 6.24 16.08 34.42
N GLY A 108 5.84 16.50 35.62
CA GLY A 108 5.54 15.55 36.67
C GLY A 108 4.44 14.58 36.27
N VAL A 109 3.43 15.07 35.54
CA VAL A 109 2.36 14.21 35.06
C VAL A 109 2.82 13.40 33.85
N VAL A 110 3.70 13.96 33.03
CA VAL A 110 4.23 13.21 31.89
C VAL A 110 5.00 11.98 32.39
N GLY A 111 5.79 12.15 33.45
CA GLY A 111 6.51 11.01 34.01
C GLY A 111 5.58 9.96 34.58
N ALA A 112 4.48 10.39 35.22
CA ALA A 112 3.48 9.45 35.68
C ALA A 112 2.85 8.70 34.50
N CYS A 113 2.64 9.40 33.38
CA CYS A 113 2.24 8.71 32.16
C CYS A 113 3.29 7.72 31.72
N GLU A 114 4.56 8.06 31.93
CA GLU A 114 5.62 7.14 31.55
C GLU A 114 5.68 5.95 32.49
N ASN A 115 5.58 6.19 33.80
CA ASN A 115 5.62 5.11 34.78
C ASN A 115 4.38 4.27 34.78
N GLY A 116 3.46 4.44 33.82
CA GLY A 116 2.26 3.63 33.80
C GLY A 116 1.27 3.94 34.90
N TYR A 117 1.47 5.04 35.63
CA TYR A 117 0.57 5.38 36.73
C TYR A 117 -0.79 5.84 36.24
N ILE A 118 -0.87 6.36 35.02
CA ILE A 118 -2.10 6.97 34.52
C ILE A 118 -2.77 5.99 33.57
N LYS A 119 -4.09 5.80 33.75
CA LYS A 119 -4.86 5.11 32.74
C LYS A 119 -5.31 6.06 31.65
N SER A 120 -5.77 7.26 32.02
CA SER A 120 -6.37 8.18 31.06
C SER A 120 -6.50 9.56 31.69
N ILE A 121 -6.56 10.57 30.83
CA ILE A 121 -6.83 11.95 31.24
C ILE A 121 -7.93 12.51 30.34
N GLY A 122 -8.95 13.11 30.94
CA GLY A 122 -10.15 13.54 30.24
C GLY A 122 -9.98 14.68 29.25
N GLN A 123 -11.05 15.42 29.01
CA GLN A 123 -11.04 16.55 28.09
C GLN A 123 -11.16 17.86 28.86
N PHE A 124 -10.53 18.90 28.34
CA PHE A 124 -10.59 20.24 28.92
C PHE A 124 -10.21 20.21 30.41
N THR A 125 -9.09 19.55 30.70
CA THR A 125 -8.60 19.40 32.05
C THR A 125 -7.29 20.15 32.20
N SER A 126 -7.18 20.95 33.26
CA SER A 126 -6.02 21.79 33.50
C SER A 126 -5.28 21.26 34.72
N ILE A 127 -4.08 20.73 34.51
CA ILE A 127 -3.20 20.25 35.57
C ILE A 127 -1.94 21.12 35.55
N ASN A 128 -1.66 21.81 36.64
CA ASN A 128 -0.53 22.71 36.65
C ASN A 128 0.78 21.95 36.55
N GLY A 129 1.81 22.65 36.06
CA GLY A 129 3.07 21.99 35.74
C GLY A 129 3.76 21.41 36.96
N THR A 130 3.74 22.13 38.08
CA THR A 130 4.41 21.69 39.30
C THR A 130 3.57 20.69 40.09
N ALA A 131 2.46 20.21 39.53
CA ALA A 131 1.76 19.09 40.12
C ALA A 131 2.61 17.83 40.02
N GLU A 132 2.23 16.82 40.80
CA GLU A 132 3.01 15.58 40.82
C GLU A 132 2.12 14.40 41.12
N ILE A 133 2.51 13.25 40.59
CA ILE A 133 1.83 11.98 40.85
C ILE A 133 2.89 10.93 41.15
N HIS A 134 3.03 10.58 42.43
CA HIS A 134 4.02 9.59 42.84
C HIS A 134 3.36 8.51 43.67
N ALA A 135 3.80 7.28 43.45
CA ALA A 135 3.35 6.16 44.26
C ALA A 135 4.26 6.04 45.48
N ASN A 136 3.97 5.06 46.33
CA ASN A 136 4.69 4.84 47.56
C ASN A 136 5.67 3.68 47.41
N ALA A 137 6.66 3.65 48.30
CA ALA A 137 7.58 2.52 48.40
C ALA A 137 6.99 1.47 49.34
N GLN A 138 7.70 0.36 49.52
CA GLN A 138 7.22 -0.70 50.41
C GLN A 138 7.36 -0.27 51.86
N LEU A 139 6.27 -0.40 52.60
CA LEU A 139 6.23 0.00 54.00
C LEU A 139 6.19 -1.18 54.95
N ASN A 140 6.02 -2.41 54.45
CA ASN A 140 5.97 -3.61 55.26
C ASN A 140 7.28 -4.38 55.26
N MET A 141 8.39 -3.70 54.94
CA MET A 141 9.68 -4.35 54.86
C MET A 141 10.66 -3.67 55.81
N THR A 142 11.75 -4.37 56.11
CA THR A 142 12.78 -3.80 56.98
C THR A 142 13.36 -2.53 56.38
N PHE A 143 13.38 -2.43 55.05
CA PHE A 143 13.90 -1.27 54.37
C PHE A 143 12.77 -0.55 53.65
N VAL A 144 13.01 0.73 53.34
CA VAL A 144 12.09 1.51 52.53
C VAL A 144 12.70 1.89 51.18
N SER A 145 14.03 1.84 51.05
CA SER A 145 14.71 2.17 49.80
C SER A 145 14.16 1.36 48.63
N ASP A 146 14.34 1.89 47.43
CA ASP A 146 13.94 1.19 46.23
C ASP A 146 15.12 0.82 45.34
N ASP A 147 16.21 1.58 45.38
CA ASP A 147 17.34 1.32 44.51
C ASP A 147 18.31 0.29 45.08
N ILE A 148 17.98 -0.30 46.24
CA ILE A 148 18.73 -1.45 46.71
C ILE A 148 18.54 -2.64 45.78
N GLN A 149 17.34 -2.73 45.19
CA GLN A 149 17.01 -3.61 44.07
C GLN A 149 18.18 -3.82 43.14
N ASN A 150 18.82 -2.72 42.72
CA ASN A 150 19.96 -2.80 41.81
C ASN A 150 21.04 -3.72 42.36
N PHE A 151 21.17 -3.80 43.69
CA PHE A 151 22.14 -4.71 44.28
C PHE A 151 21.64 -6.15 44.31
N PHE A 152 20.34 -6.36 44.15
CA PHE A 152 19.81 -7.72 44.18
C PHE A 152 20.24 -8.49 42.93
N ASN A 153 20.42 -9.80 43.10
CA ASN A 153 20.65 -10.70 41.99
C ASN A 153 19.32 -11.28 41.53
N GLU A 154 19.37 -12.21 40.57
CA GLU A 154 18.14 -12.79 40.04
C GLU A 154 17.36 -13.52 41.12
N GLU A 155 18.08 -14.18 42.04
CA GLU A 155 17.40 -14.94 43.09
C GLU A 155 16.68 -14.02 44.06
N SER A 156 17.41 -13.08 44.67
CA SER A 156 16.79 -12.15 45.61
C SER A 156 15.74 -11.29 44.94
N MET A 157 15.87 -11.07 43.63
CA MET A 157 14.89 -10.27 42.92
C MET A 157 13.51 -10.91 42.95
N ALA A 158 13.46 -12.22 42.72
CA ALA A 158 12.20 -12.95 42.76
C ALA A 158 11.48 -12.71 44.07
N VAL A 159 12.08 -13.17 45.18
CA VAL A 159 11.43 -13.07 46.48
C VAL A 159 11.04 -11.63 46.82
N PHE A 160 11.75 -10.65 46.26
CA PHE A 160 11.37 -9.25 46.48
C PHE A 160 10.17 -8.84 45.63
N GLN A 161 10.16 -9.21 44.35
CA GLN A 161 9.08 -8.76 43.49
C GLN A 161 7.75 -9.40 43.87
N GLU A 162 7.77 -10.64 44.39
CA GLU A 162 6.52 -11.31 44.73
C GLU A 162 5.82 -10.62 45.90
N LYS A 163 6.59 -10.23 46.92
CA LYS A 163 6.00 -9.54 48.06
C LYS A 163 5.44 -8.17 47.66
N LEU A 164 6.06 -7.53 46.66
CA LEU A 164 5.48 -6.30 46.14
C LEU A 164 4.12 -6.56 45.49
N ARG A 165 4.02 -7.64 44.71
CA ARG A 165 2.75 -7.97 44.06
C ARG A 165 1.68 -8.33 45.07
N LYS A 166 2.07 -8.92 46.20
CA LYS A 166 1.10 -9.33 47.20
C LYS A 166 0.70 -8.20 48.14
N ASP A 167 1.53 -7.17 48.28
CA ASP A 167 1.25 -6.07 49.17
C ASP A 167 -0.07 -5.38 48.79
N PRO A 168 -1.07 -5.36 49.68
CA PRO A 168 -2.33 -4.69 49.34
C PRO A 168 -2.24 -3.17 49.39
N LYS A 169 -1.19 -2.61 49.99
CA LYS A 169 -0.99 -1.18 49.98
C LYS A 169 -0.43 -0.67 48.65
N HIS A 170 -0.12 -1.57 47.72
CA HIS A 170 0.29 -1.25 46.36
C HIS A 170 1.49 -0.30 46.28
N PRO A 171 2.64 -0.64 46.86
CA PRO A 171 3.85 0.11 46.53
C PRO A 171 4.07 0.14 45.03
N TYR A 172 4.48 1.31 44.53
CA TYR A 172 4.74 1.51 43.11
C TYR A 172 3.52 1.14 42.25
N ALA A 173 2.33 1.33 42.80
CA ALA A 173 1.07 1.08 42.11
C ALA A 173 1.03 -0.34 41.52
N TYR A 174 1.40 -1.31 42.35
CA TYR A 174 1.57 -2.69 41.90
C TYR A 174 0.31 -3.49 42.18
N SER A 175 -0.20 -4.15 41.13
CA SER A 175 -1.40 -5.00 41.15
C SER A 175 -2.68 -4.20 41.31
N LYS A 176 -2.67 -2.92 40.94
CA LYS A 176 -3.84 -2.07 40.94
C LYS A 176 -4.16 -1.61 39.52
N GLU A 177 -5.24 -0.86 39.39
CA GLU A 177 -5.56 -0.21 38.12
C GLU A 177 -4.94 1.18 38.06
N PRO A 178 -4.37 1.51 36.91
CA PRO A 178 -3.85 2.86 36.70
C PRO A 178 -4.95 3.90 36.90
N MET A 179 -4.60 4.98 37.56
CA MET A 179 -5.60 5.98 37.92
C MET A 179 -6.14 6.67 36.67
N THR A 180 -7.34 7.22 36.81
CA THR A 180 -8.03 7.92 35.74
C THR A 180 -8.32 9.35 36.17
N ILE A 181 -8.15 10.28 35.25
CA ILE A 181 -8.46 11.69 35.47
C ILE A 181 -9.59 12.05 34.52
N GLY A 182 -10.72 12.48 35.08
CA GLY A 182 -11.87 12.83 34.29
C GLY A 182 -11.66 14.12 33.51
N SER A 183 -12.76 14.64 33.00
CA SER A 183 -12.75 15.85 32.20
C SER A 183 -13.14 17.05 33.05
N ASP A 184 -12.79 18.24 32.55
CA ASP A 184 -13.10 19.50 33.25
C ASP A 184 -12.53 19.49 34.67
N VAL A 185 -11.32 18.95 34.81
CA VAL A 185 -10.66 18.86 36.10
C VAL A 185 -9.63 19.96 36.22
N TYR A 186 -9.56 20.60 37.39
CA TYR A 186 -8.55 21.61 37.68
C TYR A 186 -7.70 21.12 38.85
N ILE A 187 -6.39 21.26 38.73
CA ILE A 187 -5.45 20.78 39.74
C ILE A 187 -4.45 21.90 40.04
N GLY A 188 -4.39 22.33 41.29
CA GLY A 188 -3.47 23.36 41.70
C GLY A 188 -2.03 22.89 41.68
N ALA A 189 -1.13 23.81 42.02
CA ALA A 189 0.29 23.52 41.96
C ALA A 189 0.80 23.01 43.31
N HIS A 190 2.02 22.47 43.28
CA HIS A 190 2.64 21.84 44.45
C HIS A 190 1.71 20.78 45.05
N ALA A 191 0.88 20.18 44.21
CA ALA A 191 -0.11 19.21 44.63
C ALA A 191 0.43 17.78 44.46
N PHE A 192 -0.29 16.84 45.06
CA PHE A 192 0.12 15.43 45.08
C PHE A 192 -1.11 14.56 44.98
N ILE A 193 -1.17 13.73 43.94
CA ILE A 193 -2.11 12.62 43.86
C ILE A 193 -1.34 11.32 44.03
N ASN A 194 -1.75 10.51 45.00
CA ASN A 194 -1.01 9.31 45.39
C ASN A 194 -1.36 8.15 44.45
N ALA A 195 -0.43 7.82 43.55
CA ALA A 195 -0.66 6.71 42.64
C ALA A 195 -0.76 5.37 43.36
N SER A 196 -0.36 5.29 44.62
CA SER A 196 -0.44 4.06 45.38
C SER A 196 -1.75 3.90 46.14
N THR A 197 -2.63 4.91 46.13
CA THR A 197 -3.95 4.78 46.75
C THR A 197 -5.10 5.40 45.96
N VAL A 198 -4.84 6.11 44.87
CA VAL A 198 -5.87 6.78 44.10
C VAL A 198 -6.07 6.05 42.78
N THR A 199 -7.32 5.91 42.37
CA THR A 199 -7.65 5.28 41.09
C THR A 199 -8.57 6.10 40.22
N SER A 200 -9.14 7.19 40.72
CA SER A 200 -10.12 7.93 39.93
C SER A 200 -10.23 9.36 40.48
N ILE A 201 -9.92 10.33 39.63
CA ILE A 201 -10.26 11.73 39.86
C ILE A 201 -11.53 11.99 39.06
N GLY A 202 -12.63 12.26 39.76
CA GLY A 202 -13.90 12.44 39.08
C GLY A 202 -13.88 13.60 38.11
N ASP A 203 -14.75 13.53 37.11
CA ASP A 203 -14.89 14.62 36.16
C ASP A 203 -15.31 15.89 36.91
N GLY A 204 -14.63 16.99 36.60
CA GLY A 204 -14.94 18.24 37.25
C GLY A 204 -14.31 18.45 38.61
N ALA A 205 -13.50 17.49 39.09
CA ALA A 205 -12.95 17.59 40.43
C ALA A 205 -11.91 18.70 40.48
N ILE A 206 -11.98 19.52 41.53
CA ILE A 206 -11.06 20.64 41.74
C ILE A 206 -10.12 20.25 42.87
N ILE A 207 -8.81 20.36 42.61
CA ILE A 207 -7.79 20.06 43.61
C ILE A 207 -7.03 21.35 43.87
N GLY A 208 -7.21 21.90 45.06
CA GLY A 208 -6.55 23.15 45.41
C GLY A 208 -5.04 23.01 45.40
N SER A 209 -4.40 24.17 45.32
CA SER A 209 -2.95 24.23 45.38
C SER A 209 -2.44 23.64 46.68
N GLY A 210 -1.22 23.10 46.64
CA GLY A 210 -0.56 22.57 47.82
C GLY A 210 -1.31 21.48 48.53
N ALA A 211 -2.35 20.94 47.89
CA ALA A 211 -3.15 19.87 48.46
C ALA A 211 -2.53 18.52 48.14
N VAL A 212 -2.50 17.64 49.13
CA VAL A 212 -2.02 16.28 48.96
C VAL A 212 -3.25 15.37 48.97
N VAL A 213 -3.52 14.74 47.84
CA VAL A 213 -4.72 13.93 47.65
C VAL A 213 -4.33 12.47 47.82
N LEU A 214 -4.89 11.82 48.85
CA LEU A 214 -4.55 10.43 49.15
C LEU A 214 -5.63 9.43 48.79
N GLU A 215 -6.88 9.87 48.59
CA GLU A 215 -7.97 8.97 48.23
C GLU A 215 -8.64 9.50 46.97
N ASN A 216 -9.47 8.65 46.37
CA ASN A 216 -10.23 9.05 45.19
C ASN A 216 -11.04 10.30 45.50
N VAL A 217 -11.18 11.17 44.51
CA VAL A 217 -11.94 12.40 44.63
C VAL A 217 -13.22 12.24 43.82
N PRO A 218 -14.39 12.48 44.41
CA PRO A 218 -15.65 12.35 43.68
C PRO A 218 -15.78 13.43 42.62
N PRO A 219 -16.58 13.18 41.58
CA PRO A 219 -16.74 14.20 40.54
C PRO A 219 -17.26 15.52 41.09
N PHE A 220 -16.67 16.61 40.60
CA PHE A 220 -17.09 17.97 40.92
C PHE A 220 -16.93 18.29 42.40
N ALA A 221 -15.94 17.68 43.05
CA ALA A 221 -15.61 17.98 44.43
C ALA A 221 -14.39 18.88 44.50
N VAL A 222 -14.34 19.73 45.52
CA VAL A 222 -13.23 20.64 45.74
C VAL A 222 -12.45 20.14 46.95
N VAL A 223 -11.15 19.92 46.77
CA VAL A 223 -10.29 19.39 47.82
C VAL A 223 -9.09 20.30 48.01
N VAL A 224 -8.83 20.69 49.27
CA VAL A 224 -7.67 21.48 49.66
C VAL A 224 -7.15 20.94 50.98
N GLY A 225 -5.97 21.41 51.36
CA GLY A 225 -5.40 21.11 52.66
C GLY A 225 -4.42 19.95 52.61
N VAL A 226 -3.71 19.77 53.73
CA VAL A 226 -2.74 18.71 53.89
C VAL A 226 -3.14 17.87 55.11
N PRO A 227 -3.75 16.69 54.90
CA PRO A 227 -4.16 16.08 53.63
C PRO A 227 -5.43 16.71 53.06
N ALA A 228 -5.82 16.30 51.86
CA ALA A 228 -6.93 16.95 51.16
C ALA A 228 -8.26 16.57 51.79
N ARG A 229 -9.08 17.58 52.07
CA ARG A 229 -10.43 17.39 52.55
C ARG A 229 -11.40 18.05 51.57
N ILE A 230 -12.66 17.59 51.61
CA ILE A 230 -13.68 18.08 50.69
C ILE A 230 -14.20 19.41 51.22
N LYS A 231 -13.74 20.53 50.64
CA LYS A 231 -14.17 21.84 51.12
C LYS A 231 -15.60 22.14 50.68
N ARG A 232 -15.91 21.89 49.42
CA ARG A 232 -17.24 22.17 48.87
C ARG A 232 -17.43 21.34 47.61
N TYR A 233 -18.62 21.43 47.05
CA TYR A 233 -18.90 20.90 45.73
C TYR A 233 -19.13 22.05 44.77
N ARG A 234 -18.62 21.91 43.54
CA ARG A 234 -18.80 22.95 42.54
C ARG A 234 -20.28 23.24 42.32
N PHE A 235 -21.07 22.21 42.07
CA PHE A 235 -22.46 22.36 41.71
C PHE A 235 -23.35 21.59 42.68
N SER A 236 -24.60 22.05 42.78
CA SER A 236 -25.62 21.21 43.38
C SER A 236 -25.68 19.88 42.64
N LYS A 237 -26.00 18.83 43.40
CA LYS A 237 -25.99 17.46 42.86
C LYS A 237 -26.83 17.35 41.58
N GLU A 238 -27.92 18.11 41.48
CA GLU A 238 -28.73 18.10 40.26
C GLU A 238 -27.87 18.28 39.02
N MET A 239 -27.03 19.31 39.02
CA MET A 239 -26.11 19.53 37.90
C MET A 239 -25.21 18.34 37.71
N ILE A 240 -24.75 17.74 38.80
CA ILE A 240 -23.75 16.69 38.73
C ILE A 240 -24.28 15.49 37.97
N GLU A 241 -25.48 15.01 38.32
CA GLU A 241 -26.05 13.87 37.61
C GLU A 241 -26.26 14.20 36.14
N THR A 242 -26.80 15.38 35.84
CA THR A 242 -27.03 15.74 34.45
C THR A 242 -25.71 15.95 33.71
N LEU A 243 -24.70 16.52 34.38
CA LEU A 243 -23.41 16.73 33.72
C LEU A 243 -22.75 15.41 33.35
N LEU A 244 -22.91 14.39 34.19
CA LEU A 244 -22.47 13.05 33.82
C LEU A 244 -23.29 12.50 32.66
N ARG A 245 -24.56 12.87 32.56
CA ARG A 245 -25.38 12.38 31.47
C ARG A 245 -25.04 13.09 30.16
N VAL A 246 -25.13 14.42 30.16
CA VAL A 246 -24.88 15.18 28.94
C VAL A 246 -23.44 14.99 28.47
N LYS A 247 -22.49 15.07 29.40
CA LYS A 247 -21.06 15.03 29.10
C LYS A 247 -20.70 16.06 28.03
N TRP A 248 -20.71 17.32 28.45
CA TRP A 248 -20.40 18.39 27.53
C TRP A 248 -19.00 18.25 26.97
N TRP A 249 -18.06 17.72 27.77
CA TRP A 249 -16.65 17.67 27.37
C TRP A 249 -16.42 16.80 26.14
N ASP A 250 -17.36 15.93 25.80
CA ASP A 250 -17.27 15.13 24.58
C ASP A 250 -18.02 15.75 23.41
N TRP A 251 -18.70 16.87 23.61
CA TRP A 251 -19.28 17.60 22.50
C TRP A 251 -18.20 17.89 21.47
N SER A 252 -18.57 17.85 20.20
CA SER A 252 -17.67 18.41 19.22
C SER A 252 -17.62 19.93 19.39
N ILE A 253 -16.67 20.56 18.72
CA ILE A 253 -16.66 22.02 18.64
C ILE A 253 -18.03 22.45 18.15
N GLU A 254 -18.78 21.50 17.59
CA GLU A 254 -20.17 21.67 17.23
C GLU A 254 -21.01 22.23 18.37
N GLU A 255 -21.22 21.43 19.40
CA GLU A 255 -22.18 21.81 20.42
C GLU A 255 -21.60 22.79 21.42
N ILE A 256 -20.30 23.06 21.32
CA ILE A 256 -19.64 23.97 22.24
C ILE A 256 -19.98 25.41 21.90
N ASN A 257 -19.83 25.80 20.63
CA ASN A 257 -20.06 27.19 20.27
C ASN A 257 -21.55 27.53 20.27
N GLU A 258 -22.41 26.58 19.94
CA GLU A 258 -23.85 26.86 19.99
C GLU A 258 -24.30 27.07 21.44
N ASN A 259 -23.95 26.14 22.32
CA ASN A 259 -24.40 26.16 23.70
C ASN A 259 -23.49 26.97 24.62
N VAL A 260 -22.83 27.99 24.07
CA VAL A 260 -21.96 28.81 24.88
C VAL A 260 -22.75 29.49 26.00
N ASP A 261 -23.98 29.94 25.70
CA ASP A 261 -24.82 30.53 26.74
C ASP A 261 -25.13 29.53 27.85
N ALA A 262 -25.28 28.25 27.50
CA ALA A 262 -25.47 27.23 28.51
C ALA A 262 -24.18 26.96 29.28
N LEU A 263 -23.08 26.76 28.55
CA LEU A 263 -21.80 26.47 29.20
C LEU A 263 -21.33 27.61 30.08
N ILE A 264 -21.85 28.82 29.88
CA ILE A 264 -21.38 29.97 30.64
C ILE A 264 -22.24 30.22 31.86
N SER A 265 -23.55 30.18 31.70
CA SER A 265 -24.43 30.29 32.86
C SER A 265 -24.86 28.89 33.24
N PRO A 266 -24.37 28.35 34.37
CA PRO A 266 -24.93 27.08 34.86
C PRO A 266 -26.45 27.13 34.92
N GLU A 267 -27.02 28.24 35.41
CA GLU A 267 -28.47 28.42 35.39
C GLU A 267 -29.03 28.18 33.99
N LEU A 268 -28.39 28.75 32.97
CA LEU A 268 -28.85 28.54 31.60
C LEU A 268 -28.60 27.10 31.14
N PHE A 269 -27.55 26.46 31.65
CA PHE A 269 -27.25 25.09 31.24
C PHE A 269 -28.36 24.14 31.64
N MET A 270 -28.94 24.31 32.82
CA MET A 270 -29.92 23.35 33.29
C MET A 270 -31.33 23.65 32.82
N LYS A 271 -31.67 24.93 32.57
CA LYS A 271 -32.96 25.26 31.98
C LYS A 271 -33.11 24.67 30.59
N LYS A 272 -32.02 24.22 29.97
CA LYS A 272 -32.04 23.58 28.67
C LYS A 272 -31.80 22.08 28.73
N TYR A 273 -31.02 21.61 29.70
CA TYR A 273 -30.66 20.20 29.79
C TYR A 273 -31.16 19.49 31.04
N GLY A 274 -31.63 20.22 32.04
CA GLY A 274 -32.10 19.60 33.26
C GLY A 274 -33.33 18.74 33.04
N GLY B 2 -9.69 -1.53 -7.38
CA GLY B 2 -9.24 -0.30 -6.74
C GLY B 2 -9.93 -0.05 -5.42
N MET B 3 -9.14 0.02 -4.35
CA MET B 3 -9.70 -0.03 -2.99
C MET B 3 -10.48 1.24 -2.65
N LYS B 4 -9.84 2.41 -2.76
CA LYS B 4 -10.40 3.58 -2.08
C LYS B 4 -10.84 4.68 -3.04
N THR B 5 -11.38 5.73 -2.43
CA THR B 5 -12.12 6.80 -3.10
C THR B 5 -11.30 8.09 -3.10
N ARG B 6 -11.44 8.86 -4.18
CA ARG B 6 -10.77 10.16 -4.21
C ARG B 6 -11.20 11.01 -3.03
N LEU B 7 -12.49 11.03 -2.71
CA LEU B 7 -12.97 11.82 -1.58
C LEU B 7 -12.44 11.26 -0.27
N GLU B 8 -12.43 9.94 -0.12
CA GLU B 8 -11.99 9.30 1.11
C GLU B 8 -10.55 9.66 1.41
N GLN B 9 -9.68 9.57 0.40
CA GLN B 9 -8.31 10.05 0.55
C GLN B 9 -8.29 11.50 1.00
N VAL B 10 -9.23 12.31 0.52
CA VAL B 10 -9.25 13.72 0.92
C VAL B 10 -9.72 13.86 2.36
N LEU B 11 -10.79 13.15 2.73
CA LEU B 11 -11.29 13.23 4.09
C LEU B 11 -10.31 12.65 5.10
N GLU B 12 -9.54 11.64 4.71
CA GLU B 12 -8.56 11.07 5.64
C GLU B 12 -7.47 12.07 6.00
N ARG B 13 -7.26 13.09 5.16
CA ARG B 13 -6.18 14.05 5.33
C ARG B 13 -6.65 15.42 5.78
N TYR B 14 -7.87 15.85 5.41
CA TYR B 14 -8.30 17.22 5.63
C TYR B 14 -9.56 17.38 6.47
N LEU B 15 -10.27 16.30 6.81
CA LEU B 15 -11.51 16.44 7.56
C LEU B 15 -11.28 17.16 8.89
N ASN B 16 -10.26 16.71 9.64
CA ASN B 16 -9.83 17.36 10.87
C ASN B 16 -10.98 17.45 11.89
N GLY B 17 -11.63 16.31 12.12
CA GLY B 17 -12.68 16.23 13.11
C GLY B 17 -13.88 17.13 12.86
N ARG B 18 -14.14 17.45 11.60
CA ARG B 18 -15.34 18.18 11.21
C ARG B 18 -16.39 17.20 10.72
N GLU B 19 -17.63 17.68 10.64
CA GLU B 19 -18.71 16.90 10.05
C GLU B 19 -18.75 17.11 8.56
N VAL B 20 -19.10 16.05 7.84
CA VAL B 20 -19.32 16.15 6.40
C VAL B 20 -20.68 16.80 6.18
N ALA B 21 -20.73 17.84 5.34
CA ALA B 21 -21.98 18.48 4.96
C ALA B 21 -22.24 18.16 3.50
N VAL B 22 -23.21 17.29 3.24
CA VAL B 22 -23.53 16.87 1.88
C VAL B 22 -24.32 17.97 1.20
N TRP B 23 -23.78 18.52 0.12
CA TRP B 23 -24.47 19.50 -0.71
C TRP B 23 -24.88 18.77 -1.99
N GLY B 24 -26.10 18.24 -1.98
CA GLY B 24 -26.58 17.48 -3.12
C GLY B 24 -27.37 16.25 -2.74
N VAL B 25 -28.07 15.64 -3.69
CA VAL B 25 -28.83 14.43 -3.42
C VAL B 25 -27.84 13.28 -3.23
N PRO B 26 -27.86 12.61 -2.07
CA PRO B 26 -26.88 11.56 -1.82
C PRO B 26 -27.12 10.33 -2.69
N THR B 27 -26.03 9.75 -3.16
CA THR B 27 -26.10 8.53 -3.95
C THR B 27 -25.78 7.33 -3.09
N ARG B 28 -26.14 6.15 -3.60
CA ARG B 28 -25.94 4.93 -2.83
C ARG B 28 -24.49 4.76 -2.44
N ARG B 29 -23.57 5.13 -3.31
CA ARG B 29 -22.16 4.92 -3.08
C ARG B 29 -21.47 6.09 -2.40
N LEU B 30 -22.08 7.28 -2.46
CA LEU B 30 -21.65 8.35 -1.57
C LEU B 30 -21.91 7.96 -0.12
N LEU B 31 -23.13 7.50 0.17
CA LEU B 31 -23.48 7.07 1.52
C LEU B 31 -22.49 6.04 2.04
N ARG B 32 -21.94 5.20 1.16
CA ARG B 32 -21.00 4.18 1.63
C ARG B 32 -19.64 4.79 1.94
N ALA B 33 -19.11 5.59 1.02
CA ALA B 33 -17.83 6.24 1.25
C ALA B 33 -17.85 7.12 2.50
N LEU B 34 -19.02 7.55 2.94
CA LEU B 34 -19.15 8.42 4.09
C LEU B 34 -19.44 7.68 5.37
N LYS B 35 -19.64 6.37 5.32
CA LYS B 35 -20.03 5.63 6.51
C LYS B 35 -18.96 5.59 7.61
N PRO B 36 -17.67 5.84 7.32
CA PRO B 36 -16.71 6.01 8.42
C PRO B 36 -16.71 7.38 9.09
N PHE B 37 -17.49 8.33 8.60
CA PHE B 37 -17.49 9.69 9.12
C PHE B 37 -18.89 10.06 9.60
N LYS B 38 -18.96 11.16 10.34
CA LYS B 38 -20.25 11.76 10.64
C LYS B 38 -20.62 12.68 9.48
N PHE B 39 -21.86 12.62 9.05
CA PHE B 39 -22.31 13.49 7.99
C PHE B 39 -23.76 13.88 8.24
N HIS B 40 -24.18 14.94 7.57
CA HIS B 40 -25.57 15.30 7.50
C HIS B 40 -25.77 16.18 6.27
N THR B 41 -27.02 16.19 5.82
CA THR B 41 -27.49 17.13 4.81
C THR B 41 -27.00 18.55 5.11
N ALA B 42 -26.45 19.20 4.10
CA ALA B 42 -26.02 20.58 4.27
C ALA B 42 -27.24 21.48 4.46
N ASP B 43 -27.20 22.29 5.51
CA ASP B 43 -28.19 23.34 5.71
C ASP B 43 -27.45 24.66 5.73
N ARG B 44 -27.05 25.10 6.92
CA ARG B 44 -26.10 26.19 7.08
C ARG B 44 -24.73 25.60 7.36
N VAL B 45 -23.70 26.16 6.73
CA VAL B 45 -22.36 25.59 6.78
C VAL B 45 -21.38 26.65 7.27
N ASP B 46 -20.18 26.19 7.56
CA ASP B 46 -19.08 26.97 8.13
C ASP B 46 -17.80 26.18 8.00
N PRO B 47 -16.76 26.69 7.34
CA PRO B 47 -15.53 25.91 7.19
C PRO B 47 -14.94 25.47 8.52
N GLN B 48 -15.27 26.19 9.59
CA GLN B 48 -14.80 25.84 10.92
C GLN B 48 -15.59 24.70 11.54
N TYR B 49 -16.51 24.10 10.80
CA TYR B 49 -17.53 23.27 11.40
C TYR B 49 -17.79 22.07 10.51
N HIS B 50 -17.85 22.32 9.21
CA HIS B 50 -18.28 21.33 8.25
C HIS B 50 -17.30 21.25 7.09
N TYR B 51 -17.26 20.06 6.49
CA TYR B 51 -16.64 19.85 5.19
C TYR B 51 -17.78 19.66 4.21
N VAL B 52 -17.91 20.57 3.25
CA VAL B 52 -18.99 20.48 2.28
C VAL B 52 -18.57 19.47 1.21
N VAL B 53 -19.40 18.45 1.01
CA VAL B 53 -19.21 17.51 -0.09
C VAL B 53 -20.34 17.75 -1.07
N ALA B 54 -19.99 18.29 -2.23
CA ALA B 54 -20.92 18.44 -3.34
C ALA B 54 -20.94 17.14 -4.13
N VAL B 55 -22.12 16.55 -4.29
CA VAL B 55 -22.20 15.25 -4.94
C VAL B 55 -21.71 15.33 -6.38
N THR B 56 -22.41 16.11 -7.21
CA THR B 56 -22.03 16.22 -8.61
C THR B 56 -21.41 17.58 -8.90
N ASP B 57 -20.67 17.65 -10.00
CA ASP B 57 -20.16 18.95 -10.45
C ASP B 57 -21.30 19.93 -10.64
N ASP B 58 -22.49 19.42 -10.98
CA ASP B 58 -23.69 20.24 -10.99
C ASP B 58 -24.00 20.79 -9.60
N ASP B 59 -23.88 19.96 -8.57
CA ASP B 59 -24.10 20.46 -7.21
C ASP B 59 -23.00 21.44 -6.79
N LEU B 60 -21.78 21.26 -7.31
CA LEU B 60 -20.67 22.12 -6.90
C LEU B 60 -20.88 23.55 -7.38
N THR B 61 -21.28 23.71 -8.64
CA THR B 61 -21.59 25.04 -9.16
C THR B 61 -22.61 25.75 -8.28
N ASP B 62 -23.59 25.01 -7.75
CA ASP B 62 -24.59 25.61 -6.88
C ASP B 62 -24.00 26.03 -5.55
N PHE B 63 -23.11 25.20 -4.98
CA PHE B 63 -22.47 25.57 -3.72
C PHE B 63 -21.62 26.81 -3.90
N LEU B 64 -20.73 26.78 -4.89
CA LEU B 64 -19.83 27.92 -5.13
C LEU B 64 -20.62 29.21 -5.36
N SER B 65 -21.79 29.11 -6.01
CA SER B 65 -22.60 30.29 -6.25
C SER B 65 -23.39 30.72 -5.01
N ASP B 66 -23.37 29.94 -3.94
CA ASP B 66 -23.97 30.33 -2.67
C ASP B 66 -22.94 31.09 -1.85
N GLU B 67 -23.41 32.10 -1.11
CA GLU B 67 -22.50 32.97 -0.37
C GLU B 67 -21.73 32.25 0.73
N GLN B 68 -22.15 31.05 1.12
CA GLN B 68 -21.47 30.33 2.18
C GLN B 68 -20.20 29.63 1.73
N SER B 69 -19.90 29.65 0.43
CA SER B 69 -18.74 28.92 -0.10
C SER B 69 -17.48 29.78 -0.19
N LYS B 70 -17.59 31.10 0.03
CA LYS B 70 -16.44 31.98 -0.17
C LYS B 70 -15.33 31.69 0.84
N SER B 71 -15.68 31.16 2.01
CA SER B 71 -14.67 30.85 3.02
C SER B 71 -14.06 29.48 2.83
N PHE B 72 -14.64 28.62 1.99
CA PHE B 72 -14.18 27.25 1.82
C PHE B 72 -13.09 27.20 0.75
N GLN B 73 -11.91 26.72 1.14
CA GLN B 73 -10.80 26.55 0.20
C GLN B 73 -11.00 25.29 -0.62
N TYR B 74 -10.42 25.29 -1.83
CA TYR B 74 -10.81 24.35 -2.88
C TYR B 74 -10.91 22.92 -2.40
N ALA B 75 -9.86 22.42 -1.74
CA ALA B 75 -9.84 21.01 -1.37
C ALA B 75 -9.76 20.79 0.13
N ASN B 76 -9.20 21.74 0.87
CA ASN B 76 -9.14 21.61 2.32
C ASN B 76 -10.53 21.67 2.97
N ASP B 77 -11.53 22.21 2.26
CA ASP B 77 -12.83 22.46 2.88
C ASP B 77 -14.01 21.87 2.11
N TYR B 78 -13.89 21.70 0.80
CA TYR B 78 -14.97 21.15 0.01
C TYR B 78 -14.40 20.27 -1.10
N LEU B 79 -15.25 19.45 -1.69
CA LEU B 79 -14.85 18.57 -2.78
C LEU B 79 -16.09 18.11 -3.52
N THR B 80 -15.88 17.69 -4.76
CA THR B 80 -16.92 17.08 -5.58
C THR B 80 -16.77 15.57 -5.51
N PHE B 81 -17.83 14.88 -5.07
CA PHE B 81 -17.78 13.42 -5.01
C PHE B 81 -17.64 12.82 -6.40
N ASP B 82 -18.52 13.21 -7.32
CA ASP B 82 -18.54 12.65 -8.67
C ASP B 82 -17.43 13.26 -9.53
N ASP B 83 -16.20 13.14 -9.04
CA ASP B 83 -15.06 13.66 -9.80
C ASP B 83 -13.77 12.93 -9.43
N GLU B 84 -13.74 11.62 -9.68
CA GLU B 84 -12.57 10.80 -9.34
C GLU B 84 -11.34 11.18 -10.15
N GLY B 85 -11.52 11.87 -11.27
CA GLY B 85 -10.37 12.36 -12.01
C GLY B 85 -9.92 13.75 -11.63
N GLY B 86 -10.65 14.42 -10.75
CA GLY B 86 -10.28 15.76 -10.36
C GLY B 86 -8.88 15.83 -9.79
N GLU B 87 -8.29 17.03 -9.88
CA GLU B 87 -6.94 17.25 -9.38
C GLU B 87 -6.96 17.43 -7.87
N LEU B 88 -5.83 17.11 -7.25
CA LEU B 88 -5.60 17.32 -5.83
C LEU B 88 -4.26 17.98 -5.65
N PRO B 89 -4.05 18.68 -4.54
CA PRO B 89 -2.71 19.23 -4.25
C PRO B 89 -1.72 18.21 -3.76
N PHE B 90 -2.09 16.93 -3.63
CA PHE B 90 -1.15 15.89 -3.21
C PHE B 90 -1.33 14.65 -4.08
N GLU B 91 -0.30 13.80 -4.08
CA GLU B 91 -0.34 12.55 -4.80
C GLU B 91 -1.42 11.64 -4.23
N ARG B 92 -2.14 10.96 -5.12
CA ARG B 92 -3.35 10.25 -4.74
C ARG B 92 -3.43 8.94 -5.52
N MET B 93 -4.51 8.19 -5.27
CA MET B 93 -4.76 6.96 -5.97
C MET B 93 -6.05 7.10 -6.77
N CYS B 94 -6.06 6.48 -7.95
CA CYS B 94 -7.27 6.31 -8.77
C CYS B 94 -7.28 4.85 -9.15
N PHE B 95 -7.97 4.02 -8.36
CA PHE B 95 -7.96 2.57 -8.52
C PHE B 95 -6.53 2.03 -8.41
N ASN B 96 -5.85 2.42 -7.33
CA ASN B 96 -4.47 1.99 -7.07
C ASN B 96 -3.51 2.43 -8.18
N VAL B 97 -3.83 3.52 -8.87
CA VAL B 97 -3.00 4.06 -9.94
C VAL B 97 -2.41 5.37 -9.44
N PRO B 98 -1.08 5.49 -9.38
CA PRO B 98 -0.46 6.75 -8.92
C PRO B 98 -0.80 7.92 -9.83
N VAL B 99 -1.37 8.97 -9.23
CA VAL B 99 -1.64 10.23 -9.91
C VAL B 99 -0.96 11.32 -9.11
N GLY B 100 -0.08 12.07 -9.76
CA GLY B 100 0.65 13.15 -9.11
C GLY B 100 -0.25 14.31 -8.72
N ARG B 101 0.41 15.38 -8.30
CA ARG B 101 -0.31 16.58 -7.86
C ARG B 101 -0.75 17.42 -9.06
N GLN B 102 -1.88 18.12 -8.87
CA GLN B 102 -2.46 18.99 -9.88
C GLN B 102 -2.56 18.30 -11.24
N THR B 103 -2.97 17.05 -11.20
CA THR B 103 -3.24 16.26 -12.40
C THR B 103 -4.72 15.94 -12.45
N TYR B 104 -5.31 16.02 -13.64
CA TYR B 104 -6.73 15.75 -13.82
C TYR B 104 -6.95 14.99 -15.13
N PHE B 105 -8.09 14.32 -15.21
CA PHE B 105 -8.46 13.57 -16.41
C PHE B 105 -9.96 13.28 -16.35
N GLY B 106 -10.47 12.73 -17.45
CA GLY B 106 -11.89 12.41 -17.55
C GLY B 106 -12.20 10.98 -17.13
N ASP B 107 -13.50 10.67 -17.14
CA ASP B 107 -13.94 9.33 -16.76
C ASP B 107 -13.39 8.27 -17.71
N GLY B 108 -13.12 8.64 -18.96
CA GLY B 108 -12.47 7.71 -19.87
C GLY B 108 -11.18 7.18 -19.29
N VAL B 109 -10.34 8.07 -18.75
CA VAL B 109 -9.07 7.66 -18.18
C VAL B 109 -9.29 6.92 -16.88
N VAL B 110 -10.28 7.35 -16.10
CA VAL B 110 -10.64 6.63 -14.87
C VAL B 110 -10.97 5.18 -15.18
N GLY B 111 -11.83 4.95 -16.18
CA GLY B 111 -12.11 3.60 -16.61
C GLY B 111 -10.85 2.84 -16.98
N ALA B 112 -9.93 3.49 -17.70
CA ALA B 112 -8.64 2.89 -17.99
C ALA B 112 -7.87 2.59 -16.71
N CYS B 113 -7.93 3.49 -15.74
CA CYS B 113 -7.35 3.21 -14.42
C CYS B 113 -8.04 2.01 -13.80
N GLU B 114 -9.33 1.86 -14.03
CA GLU B 114 -10.05 0.73 -13.45
C GLU B 114 -9.73 -0.55 -14.19
N ASN B 115 -9.62 -0.49 -15.51
CA ASN B 115 -9.33 -1.67 -16.31
C ASN B 115 -7.89 -2.14 -16.19
N GLY B 116 -7.06 -1.48 -15.38
CA GLY B 116 -5.67 -1.87 -15.28
C GLY B 116 -4.82 -1.45 -16.46
N TYR B 117 -5.31 -0.53 -17.29
CA TYR B 117 -4.56 -0.07 -18.45
C TYR B 117 -3.44 0.88 -18.06
N ILE B 118 -3.60 1.61 -16.96
CA ILE B 118 -2.66 2.65 -16.56
C ILE B 118 -1.76 2.13 -15.46
N LYS B 119 -0.44 2.33 -15.63
CA LYS B 119 0.51 2.09 -14.54
C LYS B 119 0.61 3.29 -13.62
N SER B 120 0.78 4.48 -14.19
CA SER B 120 0.97 5.69 -13.42
C SER B 120 0.70 6.89 -14.31
N ILE B 121 0.35 8.01 -13.66
CA ILE B 121 0.22 9.29 -14.34
C ILE B 121 1.01 10.32 -13.55
N GLY B 122 1.81 11.12 -14.25
CA GLY B 122 2.75 12.01 -13.61
C GLY B 122 2.13 13.22 -12.93
N GLN B 123 2.96 14.23 -12.68
CA GLN B 123 2.56 15.44 -12.00
C GLN B 123 2.24 16.54 -13.00
N PHE B 124 1.30 17.40 -12.64
CA PHE B 124 0.92 18.56 -13.44
C PHE B 124 0.60 18.15 -14.88
N THR B 125 -0.16 17.08 -15.02
CA THR B 125 -0.53 16.56 -16.33
C THR B 125 -2.00 16.88 -16.61
N SER B 126 -2.27 17.44 -17.78
CA SER B 126 -3.60 17.83 -18.19
C SER B 126 -4.11 16.85 -19.24
N ILE B 127 -5.17 16.13 -18.90
CA ILE B 127 -5.84 15.22 -19.82
C ILE B 127 -7.29 15.68 -19.93
N ASN B 128 -7.72 16.02 -21.14
CA ASN B 128 -9.09 16.48 -21.26
C ASN B 128 -10.07 15.33 -21.02
N GLY B 129 -11.28 15.71 -20.61
CA GLY B 129 -12.24 14.72 -20.16
C GLY B 129 -12.67 13.74 -21.23
N THR B 130 -12.87 14.24 -22.46
CA THR B 130 -13.34 13.40 -23.55
C THR B 130 -12.24 12.59 -24.20
N ALA B 131 -11.03 12.61 -23.64
CA ALA B 131 -9.98 11.69 -24.07
C ALA B 131 -10.31 10.27 -23.60
N GLU B 132 -9.65 9.29 -24.23
CA GLU B 132 -9.96 7.88 -23.93
C GLU B 132 -8.75 6.99 -24.13
N ILE B 133 -8.73 5.88 -23.39
CA ILE B 133 -7.67 4.87 -23.45
C ILE B 133 -8.35 3.51 -23.51
N HIS B 134 -8.43 2.92 -24.69
CA HIS B 134 -9.00 1.60 -24.87
C HIS B 134 -7.99 0.69 -25.56
N ALA B 135 -8.02 -0.60 -25.21
CA ALA B 135 -7.23 -1.59 -25.92
C ALA B 135 -8.05 -2.14 -27.09
N ASN B 136 -7.47 -3.09 -27.82
CA ASN B 136 -8.14 -3.70 -28.96
C ASN B 136 -8.63 -5.09 -28.62
N ALA B 137 -9.52 -5.60 -29.46
CA ALA B 137 -9.99 -6.98 -29.33
C ALA B 137 -9.02 -7.92 -30.05
N GLN B 138 -9.26 -9.22 -29.95
CA GLN B 138 -8.40 -10.17 -30.64
C GLN B 138 -8.60 -10.05 -32.15
N LEU B 139 -7.50 -9.93 -32.88
CA LEU B 139 -7.57 -9.75 -34.32
C LEU B 139 -7.21 -11.01 -35.10
N ASN B 140 -6.73 -12.04 -34.42
CA ASN B 140 -6.27 -13.26 -35.05
C ASN B 140 -7.27 -14.39 -34.91
N MET B 141 -8.55 -14.07 -34.74
CA MET B 141 -9.57 -15.09 -34.52
C MET B 141 -10.70 -14.88 -35.51
N THR B 142 -11.49 -15.94 -35.70
CA THR B 142 -12.63 -15.87 -36.62
C THR B 142 -13.61 -14.79 -36.20
N PHE B 143 -13.76 -14.57 -34.90
CA PHE B 143 -14.63 -13.54 -34.38
C PHE B 143 -13.79 -12.40 -33.85
N VAL B 144 -14.43 -11.23 -33.76
CA VAL B 144 -13.84 -10.06 -33.14
C VAL B 144 -14.53 -9.68 -31.84
N SER B 145 -15.72 -10.23 -31.58
CA SER B 145 -16.48 -9.90 -30.39
C SER B 145 -15.67 -10.19 -29.13
N ASP B 146 -16.13 -9.60 -28.02
CA ASP B 146 -15.56 -9.91 -26.72
C ASP B 146 -16.57 -10.49 -25.75
N ASP B 147 -17.86 -10.13 -25.88
CA ASP B 147 -18.87 -10.62 -24.96
C ASP B 147 -19.41 -12.00 -25.35
N ILE B 148 -18.88 -12.62 -26.40
CA ILE B 148 -19.19 -14.03 -26.68
C ILE B 148 -18.64 -14.92 -25.57
N GLN B 149 -17.51 -14.50 -24.99
CA GLN B 149 -16.98 -15.04 -23.74
C GLN B 149 -18.07 -15.43 -22.75
N ASN B 150 -19.06 -14.56 -22.55
CA ASN B 150 -20.15 -14.85 -21.62
C ASN B 150 -20.88 -16.13 -21.98
N PHE B 151 -20.85 -16.54 -23.25
CA PHE B 151 -21.45 -17.79 -23.66
C PHE B 151 -20.52 -18.98 -23.51
N PHE B 152 -19.22 -18.74 -23.32
CA PHE B 152 -18.29 -19.83 -23.13
C PHE B 152 -18.46 -20.45 -21.75
N ASN B 153 -18.20 -21.74 -21.67
CA ASN B 153 -18.15 -22.41 -20.39
C ASN B 153 -16.70 -22.46 -19.92
N GLU B 154 -16.46 -23.22 -18.85
CA GLU B 154 -15.13 -23.29 -18.26
C GLU B 154 -14.11 -23.89 -19.23
N GLU B 155 -14.53 -24.89 -20.00
CA GLU B 155 -13.61 -25.57 -20.92
C GLU B 155 -13.15 -24.63 -22.02
N SER B 156 -14.09 -24.07 -22.78
CA SER B 156 -13.74 -23.14 -23.84
C SER B 156 -13.01 -21.91 -23.30
N MET B 157 -13.22 -21.59 -22.02
CA MET B 157 -12.56 -20.43 -21.43
C MET B 157 -11.05 -20.59 -21.41
N ALA B 158 -10.57 -21.73 -20.90
CA ALA B 158 -9.13 -21.95 -20.81
C ALA B 158 -8.48 -21.84 -22.17
N VAL B 159 -9.16 -22.32 -23.22
CA VAL B 159 -8.58 -22.28 -24.55
C VAL B 159 -8.76 -20.90 -25.18
N PHE B 160 -9.78 -20.14 -24.78
CA PHE B 160 -9.81 -18.76 -25.25
C PHE B 160 -8.84 -17.88 -24.47
N GLN B 161 -8.73 -18.12 -23.16
CA GLN B 161 -7.88 -17.26 -22.34
C GLN B 161 -6.40 -17.48 -22.65
N GLU B 162 -6.00 -18.71 -22.95
CA GLU B 162 -4.59 -18.95 -23.21
C GLU B 162 -4.14 -18.29 -24.51
N LYS B 163 -5.02 -18.23 -25.50
CA LYS B 163 -4.62 -17.75 -26.81
C LYS B 163 -4.53 -16.23 -26.84
N LEU B 164 -5.26 -15.56 -25.95
CA LEU B 164 -5.08 -14.12 -25.78
C LEU B 164 -3.74 -13.80 -25.11
N ARG B 165 -3.34 -14.63 -24.15
CA ARG B 165 -2.06 -14.42 -23.47
C ARG B 165 -0.87 -14.59 -24.42
N LYS B 166 -1.03 -15.42 -25.46
CA LYS B 166 0.07 -15.69 -26.40
C LYS B 166 0.12 -14.71 -27.57
N ASP B 167 -0.97 -13.99 -27.83
CA ASP B 167 -1.04 -13.00 -28.93
C ASP B 167 -0.07 -11.85 -28.69
N PRO B 168 0.84 -11.54 -29.62
CA PRO B 168 1.81 -10.48 -29.35
C PRO B 168 1.30 -9.08 -29.68
N LYS B 169 0.10 -8.98 -30.24
CA LYS B 169 -0.58 -7.72 -30.44
C LYS B 169 -1.28 -7.25 -29.17
N HIS B 170 -1.27 -8.08 -28.15
CA HIS B 170 -1.84 -7.75 -26.85
C HIS B 170 -3.29 -7.28 -26.94
N PRO B 171 -4.24 -8.15 -27.35
CA PRO B 171 -5.65 -7.80 -27.18
C PRO B 171 -5.96 -7.68 -25.70
N TYR B 172 -6.69 -6.62 -25.35
CA TYR B 172 -7.02 -6.30 -23.97
C TYR B 172 -5.77 -6.10 -23.12
N ALA B 173 -4.71 -5.57 -23.75
CA ALA B 173 -3.44 -5.27 -23.09
C ALA B 173 -2.92 -6.47 -22.32
N TYR B 174 -3.04 -7.65 -22.93
CA TYR B 174 -2.64 -8.88 -22.27
C TYR B 174 -1.15 -9.12 -22.43
N SER B 175 -0.52 -9.62 -21.36
CA SER B 175 0.90 -10.00 -21.33
C SER B 175 1.83 -8.81 -21.63
N LYS B 176 1.39 -7.60 -21.29
CA LYS B 176 2.17 -6.40 -21.50
C LYS B 176 2.22 -5.59 -20.20
N GLU B 177 3.10 -4.57 -20.19
CA GLU B 177 3.13 -3.65 -19.07
C GLU B 177 2.07 -2.56 -19.23
N PRO B 178 1.36 -2.23 -18.16
CA PRO B 178 0.42 -1.10 -18.21
C PRO B 178 1.13 0.18 -18.61
N MET B 179 0.40 1.04 -19.32
CA MET B 179 1.01 2.24 -19.89
C MET B 179 1.26 3.29 -18.81
N THR B 180 2.28 4.12 -19.06
CA THR B 180 2.72 5.15 -18.13
C THR B 180 2.59 6.52 -18.78
N ILE B 181 2.06 7.48 -18.02
CA ILE B 181 1.90 8.85 -18.49
C ILE B 181 2.85 9.72 -17.68
N GLY B 182 3.75 10.40 -18.37
CA GLY B 182 4.73 11.25 -17.72
C GLY B 182 4.09 12.51 -17.14
N SER B 183 4.96 13.38 -16.64
CA SER B 183 4.52 14.64 -16.05
C SER B 183 4.51 15.75 -17.10
N ASP B 184 3.81 16.85 -16.79
CA ASP B 184 3.67 17.98 -17.69
C ASP B 184 3.14 17.55 -19.06
N VAL B 185 2.18 16.63 -19.06
CA VAL B 185 1.61 16.09 -20.29
C VAL B 185 0.27 16.76 -20.56
N TYR B 186 0.06 17.20 -21.79
CA TYR B 186 -1.19 17.80 -22.22
C TYR B 186 -1.84 16.89 -23.24
N ILE B 187 -3.11 16.56 -23.04
CA ILE B 187 -3.85 15.65 -23.90
C ILE B 187 -5.11 16.37 -24.37
N GLY B 188 -5.23 16.54 -25.68
CA GLY B 188 -6.40 17.16 -26.25
C GLY B 188 -7.62 16.26 -26.16
N ALA B 189 -8.72 16.78 -26.70
CA ALA B 189 -9.98 16.07 -26.62
C ALA B 189 -10.21 15.22 -27.86
N HIS B 190 -11.18 14.31 -27.75
CA HIS B 190 -11.52 13.37 -28.81
C HIS B 190 -10.28 12.60 -29.29
N ALA B 191 -9.35 12.40 -28.36
CA ALA B 191 -8.11 11.71 -28.60
C ALA B 191 -8.23 10.25 -28.17
N PHE B 192 -7.23 9.46 -28.55
CA PHE B 192 -7.22 8.02 -28.30
C PHE B 192 -5.77 7.58 -28.14
N ILE B 193 -5.46 7.00 -26.98
CA ILE B 193 -4.21 6.29 -26.75
C ILE B 193 -4.52 4.81 -26.74
N ASN B 194 -3.87 4.06 -27.63
CA ASN B 194 -4.15 2.64 -27.80
C ASN B 194 -3.47 1.87 -26.67
N ALA B 195 -4.27 1.40 -25.71
CA ALA B 195 -3.72 0.60 -24.62
C ALA B 195 -3.14 -0.72 -25.09
N SER B 196 -3.45 -1.15 -26.31
CA SER B 196 -2.94 -2.41 -26.84
C SER B 196 -1.63 -2.27 -27.62
N THR B 197 -1.10 -1.04 -27.75
CA THR B 197 0.19 -0.83 -28.40
C THR B 197 1.05 0.25 -27.77
N VAL B 198 0.56 0.96 -26.75
CA VAL B 198 1.30 2.06 -26.15
C VAL B 198 1.67 1.69 -24.71
N THR B 199 2.91 2.00 -24.33
CA THR B 199 3.40 1.70 -22.99
C THR B 199 4.05 2.90 -22.29
N SER B 200 4.18 4.03 -22.96
CA SER B 200 4.87 5.16 -22.34
C SER B 200 4.53 6.43 -23.09
N ILE B 201 3.85 7.35 -22.43
CA ILE B 201 3.76 8.73 -22.86
C ILE B 201 4.84 9.50 -22.12
N GLY B 202 5.83 9.98 -22.86
CA GLY B 202 6.93 10.70 -22.24
C GLY B 202 6.47 11.97 -21.55
N ASP B 203 7.28 12.43 -20.60
CA ASP B 203 6.98 13.66 -19.90
C ASP B 203 7.07 14.85 -20.84
N GLY B 204 6.14 15.79 -20.67
CA GLY B 204 6.06 16.91 -21.56
C GLY B 204 5.44 16.63 -22.91
N ALA B 205 5.01 15.39 -23.17
CA ALA B 205 4.42 15.05 -24.45
C ALA B 205 3.08 15.74 -24.62
N ILE B 206 2.93 16.43 -25.75
CA ILE B 206 1.68 17.10 -26.11
C ILE B 206 0.97 16.24 -27.16
N ILE B 207 -0.31 15.99 -26.94
CA ILE B 207 -1.12 15.16 -27.80
C ILE B 207 -2.33 15.97 -28.23
N GLY B 208 -2.41 16.30 -29.50
CA GLY B 208 -3.42 17.20 -29.98
C GLY B 208 -4.82 16.59 -30.00
N SER B 209 -5.79 17.48 -30.18
CA SER B 209 -7.18 17.07 -30.22
C SER B 209 -7.45 16.15 -31.41
N GLY B 210 -8.43 15.26 -31.23
CA GLY B 210 -8.84 14.35 -32.28
C GLY B 210 -7.72 13.46 -32.79
N ALA B 211 -6.59 13.44 -32.07
CA ALA B 211 -5.46 12.62 -32.47
C ALA B 211 -5.67 11.18 -32.02
N VAL B 212 -5.12 10.24 -32.79
CA VAL B 212 -5.24 8.82 -32.51
C VAL B 212 -3.82 8.28 -32.36
N VAL B 213 -3.40 8.06 -31.11
CA VAL B 213 -2.03 7.67 -30.80
C VAL B 213 -1.95 6.16 -30.74
N LEU B 214 -1.09 5.58 -31.58
CA LEU B 214 -0.96 4.13 -31.66
C LEU B 214 0.37 3.61 -31.13
N GLU B 215 1.40 4.44 -31.03
CA GLU B 215 2.70 4.00 -30.53
C GLU B 215 3.14 4.92 -29.41
N ASN B 216 4.22 4.53 -28.73
CA ASN B 216 4.75 5.35 -27.65
C ASN B 216 5.10 6.74 -28.17
N VAL B 217 4.89 7.74 -27.34
CA VAL B 217 5.21 9.13 -27.67
C VAL B 217 6.47 9.51 -26.89
N PRO B 218 7.50 10.03 -27.55
CA PRO B 218 8.71 10.43 -26.84
C PRO B 218 8.47 11.68 -26.01
N PRO B 219 9.31 11.94 -25.00
CA PRO B 219 9.09 13.11 -24.15
C PRO B 219 9.19 14.41 -24.95
N PHE B 220 8.30 15.34 -24.60
CA PHE B 220 8.29 16.68 -25.18
C PHE B 220 8.11 16.64 -26.70
N ALA B 221 7.30 15.70 -27.17
CA ALA B 221 6.94 15.58 -28.58
C ALA B 221 5.49 16.00 -28.77
N VAL B 222 5.24 16.82 -29.78
CA VAL B 222 3.89 17.25 -30.13
C VAL B 222 3.39 16.33 -31.23
N VAL B 223 2.21 15.74 -31.03
CA VAL B 223 1.69 14.71 -31.92
C VAL B 223 0.23 14.98 -32.21
N VAL B 224 -0.15 14.95 -33.51
CA VAL B 224 -1.50 15.27 -33.95
C VAL B 224 -1.85 14.43 -35.17
N GLY B 225 -3.12 14.48 -35.57
CA GLY B 225 -3.60 13.84 -36.77
C GLY B 225 -4.23 12.48 -36.49
N VAL B 226 -4.77 11.90 -37.57
CA VAL B 226 -5.34 10.56 -37.53
C VAL B 226 -4.73 9.75 -38.67
N PRO B 227 -3.73 8.90 -38.43
CA PRO B 227 -3.08 8.63 -37.14
C PRO B 227 -2.22 9.76 -36.63
N ALA B 228 -1.68 9.54 -35.44
CA ALA B 228 -0.92 10.55 -34.73
C ALA B 228 0.51 10.61 -35.29
N ARG B 229 0.92 11.80 -35.72
CA ARG B 229 2.26 12.02 -36.25
C ARG B 229 2.94 13.13 -35.45
N ILE B 230 4.28 13.09 -35.45
CA ILE B 230 5.09 14.03 -34.65
C ILE B 230 5.14 15.37 -35.38
N LYS B 231 4.33 16.34 -34.96
CA LYS B 231 4.47 17.66 -35.57
C LYS B 231 5.83 18.25 -35.22
N ARG B 232 6.07 18.54 -33.95
CA ARG B 232 7.25 19.26 -33.52
C ARG B 232 7.69 18.73 -32.17
N TYR B 233 8.79 19.30 -31.66
CA TYR B 233 9.20 19.10 -30.29
C TYR B 233 9.01 20.39 -29.51
N ARG B 234 8.59 20.26 -28.25
CA ARG B 234 8.31 21.45 -27.44
C ARG B 234 9.56 22.29 -27.29
N PHE B 235 10.66 21.69 -26.87
CA PHE B 235 11.91 22.40 -26.72
C PHE B 235 13.01 21.73 -27.52
N SER B 236 14.08 22.47 -27.72
CA SER B 236 15.33 21.89 -28.19
C SER B 236 15.81 20.84 -27.20
N LYS B 237 16.37 19.76 -27.73
CA LYS B 237 16.78 18.61 -26.93
C LYS B 237 17.88 18.92 -25.92
N GLU B 238 18.46 20.13 -25.95
CA GLU B 238 19.23 20.59 -24.80
C GLU B 238 18.35 20.66 -23.56
N MET B 239 17.26 21.41 -23.66
CA MET B 239 16.29 21.49 -22.57
C MET B 239 15.77 20.11 -22.21
N ILE B 240 15.59 19.24 -23.20
CA ILE B 240 14.94 17.95 -22.95
C ILE B 240 15.81 17.09 -22.04
N GLU B 241 17.12 17.08 -22.28
CA GLU B 241 18.02 16.28 -21.44
C GLU B 241 18.02 16.78 -20.01
N THR B 242 18.12 18.09 -19.82
CA THR B 242 18.17 18.66 -18.48
C THR B 242 16.82 18.65 -17.80
N LEU B 243 15.72 18.80 -18.57
CA LEU B 243 14.39 18.71 -17.97
C LEU B 243 14.16 17.34 -17.36
N LEU B 244 14.60 16.28 -18.04
CA LEU B 244 14.58 14.95 -17.44
C LEU B 244 15.54 14.89 -16.25
N ARG B 245 16.60 15.68 -16.26
CA ARG B 245 17.54 15.66 -15.15
C ARG B 245 16.98 16.41 -13.95
N VAL B 246 16.60 17.67 -14.14
CA VAL B 246 16.14 18.49 -13.02
C VAL B 246 14.85 17.95 -12.43
N LYS B 247 13.89 17.57 -13.29
CA LYS B 247 12.56 17.10 -12.89
C LYS B 247 11.87 18.12 -11.99
N TRP B 248 11.50 19.24 -12.61
CA TRP B 248 10.81 20.30 -11.88
C TRP B 248 9.49 19.83 -11.32
N TRP B 249 8.82 18.90 -12.02
CA TRP B 249 7.51 18.43 -11.58
C TRP B 249 7.56 17.74 -10.22
N ASP B 250 8.75 17.33 -9.78
CA ASP B 250 8.92 16.74 -8.46
C ASP B 250 9.37 17.75 -7.43
N TRP B 251 9.64 18.98 -7.84
CA TRP B 251 9.88 20.04 -6.87
C TRP B 251 8.74 20.12 -5.88
N SER B 252 9.08 20.45 -4.64
CA SER B 252 8.06 20.86 -3.71
C SER B 252 7.60 22.27 -4.05
N ILE B 253 6.48 22.69 -3.46
CA ILE B 253 5.97 24.05 -3.66
C ILE B 253 7.05 25.07 -3.30
N GLU B 254 8.02 24.67 -2.49
CA GLU B 254 9.25 25.42 -2.23
C GLU B 254 9.88 25.93 -3.51
N GLU B 255 10.42 25.01 -4.31
CA GLU B 255 11.20 25.37 -5.49
C GLU B 255 10.32 25.93 -6.60
N ILE B 256 9.05 25.55 -6.64
CA ILE B 256 8.16 26.01 -7.70
C ILE B 256 7.99 27.52 -7.64
N ASN B 257 7.68 28.04 -6.43
CA ASN B 257 7.43 29.46 -6.27
C ASN B 257 8.71 30.28 -6.41
N GLU B 258 9.83 29.74 -5.92
CA GLU B 258 11.11 30.46 -6.05
C GLU B 258 11.51 30.57 -7.52
N ASN B 259 11.62 29.43 -8.21
CA ASN B 259 12.10 29.39 -9.60
C ASN B 259 11.01 29.65 -10.61
N VAL B 260 10.08 30.54 -10.28
CA VAL B 260 8.95 30.81 -11.18
C VAL B 260 9.46 31.31 -12.53
N ASP B 261 10.46 32.19 -12.52
CA ASP B 261 11.00 32.72 -13.78
C ASP B 261 11.56 31.62 -14.66
N ALA B 262 12.41 30.77 -14.09
CA ALA B 262 12.87 29.57 -14.80
C ALA B 262 11.68 28.83 -15.40
N LEU B 263 10.65 28.59 -14.59
CA LEU B 263 9.48 27.89 -15.10
C LEU B 263 8.72 28.73 -16.12
N ILE B 264 8.79 30.05 -16.02
CA ILE B 264 8.07 30.90 -16.95
C ILE B 264 8.87 31.15 -18.21
N SER B 265 10.10 31.61 -18.07
CA SER B 265 10.96 31.84 -19.21
C SER B 265 11.77 30.59 -19.46
N PRO B 266 11.51 29.83 -20.54
CA PRO B 266 12.33 28.66 -20.82
C PRO B 266 13.82 28.96 -20.91
N GLU B 267 14.21 30.03 -21.61
CA GLU B 267 15.62 30.37 -21.72
C GLU B 267 16.22 30.74 -20.37
N LEU B 268 15.41 31.30 -19.46
CA LEU B 268 15.89 31.57 -18.11
C LEU B 268 15.99 30.29 -17.29
N PHE B 269 15.13 29.31 -17.57
CA PHE B 269 15.29 27.98 -16.97
C PHE B 269 16.66 27.40 -17.31
N MET B 270 17.08 27.53 -18.56
CA MET B 270 18.31 26.89 -19.00
C MET B 270 19.55 27.63 -18.50
N LYS B 271 19.51 28.94 -18.39
CA LYS B 271 20.72 29.58 -17.90
C LYS B 271 20.98 29.16 -16.45
N LYS B 272 19.92 28.98 -15.67
CA LYS B 272 20.12 28.61 -14.27
C LYS B 272 20.40 27.12 -14.09
N TYR B 273 19.93 26.27 -15.00
CA TYR B 273 20.04 24.83 -14.82
C TYR B 273 20.79 24.11 -15.93
N GLY B 274 21.05 24.76 -17.06
CA GLY B 274 21.77 24.10 -18.14
C GLY B 274 23.20 23.78 -17.80
N MET C 3 3.46 -15.67 -6.71
CA MET C 3 2.42 -15.54 -5.70
C MET C 3 1.72 -16.86 -5.43
N LYS C 4 0.86 -17.27 -6.36
CA LYS C 4 -0.01 -18.42 -6.20
C LYS C 4 0.73 -19.74 -6.47
N THR C 5 0.14 -20.84 -5.99
CA THR C 5 0.76 -22.16 -6.09
C THR C 5 -0.09 -23.06 -6.97
N ARG C 6 0.47 -24.23 -7.34
CA ARG C 6 -0.19 -25.07 -8.33
C ARG C 6 -1.42 -25.76 -7.76
N LEU C 7 -1.38 -26.15 -6.48
CA LEU C 7 -2.48 -26.93 -5.91
C LEU C 7 -3.77 -26.12 -5.87
N GLU C 8 -3.72 -24.87 -5.40
CA GLU C 8 -4.95 -24.10 -5.26
C GLU C 8 -5.50 -23.59 -6.59
N GLN C 9 -4.65 -23.45 -7.62
CA GLN C 9 -5.17 -23.15 -8.95
C GLN C 9 -6.06 -24.30 -9.43
N VAL C 10 -5.78 -25.51 -8.99
CA VAL C 10 -6.68 -26.63 -9.19
C VAL C 10 -7.82 -26.61 -8.17
N LEU C 11 -7.55 -26.05 -6.98
CA LEU C 11 -8.59 -26.00 -5.93
C LEU C 11 -9.65 -24.95 -6.25
N GLU C 12 -9.24 -23.77 -6.74
CA GLU C 12 -10.21 -22.77 -7.17
C GLU C 12 -11.09 -23.30 -8.29
N ARG C 13 -10.64 -24.32 -9.01
CA ARG C 13 -11.25 -24.78 -10.25
C ARG C 13 -12.03 -26.08 -10.11
N TYR C 14 -11.54 -27.01 -9.29
CA TYR C 14 -12.11 -28.35 -9.21
C TYR C 14 -12.63 -28.75 -7.84
N LEU C 15 -12.51 -27.88 -6.82
CA LEU C 15 -12.90 -28.28 -5.48
C LEU C 15 -14.39 -28.55 -5.39
N ASN C 16 -15.22 -27.69 -5.98
CA ASN C 16 -16.67 -27.91 -6.02
C ASN C 16 -17.23 -28.03 -4.58
N GLY C 17 -16.77 -27.12 -3.72
CA GLY C 17 -17.22 -27.08 -2.33
C GLY C 17 -17.10 -28.38 -1.58
N ARG C 18 -16.06 -29.17 -1.88
CA ARG C 18 -15.80 -30.41 -1.17
C ARG C 18 -14.82 -30.15 -0.03
N GLU C 19 -14.46 -31.22 0.68
CA GLU C 19 -13.49 -31.16 1.76
C GLU C 19 -12.15 -31.69 1.26
N VAL C 20 -11.09 -30.93 1.51
CA VAL C 20 -9.75 -31.36 1.11
C VAL C 20 -9.29 -32.48 2.04
N ALA C 21 -8.95 -33.63 1.47
CA ALA C 21 -8.50 -34.78 2.24
C ALA C 21 -6.98 -34.86 2.12
N VAL C 22 -6.28 -34.64 3.23
CA VAL C 22 -4.82 -34.63 3.22
C VAL C 22 -4.33 -36.06 3.35
N TRP C 23 -3.92 -36.64 2.22
CA TRP C 23 -3.26 -37.94 2.18
C TRP C 23 -1.76 -37.74 2.37
N GLY C 24 -1.39 -37.40 3.61
CA GLY C 24 0.01 -37.20 3.93
C GLY C 24 0.30 -36.51 5.26
N VAL C 25 1.55 -36.61 5.70
CA VAL C 25 2.05 -35.85 6.84
C VAL C 25 2.08 -34.38 6.43
N PRO C 26 1.24 -33.52 7.01
CA PRO C 26 1.12 -32.16 6.49
C PRO C 26 2.38 -31.35 6.74
N THR C 27 2.82 -30.64 5.70
CA THR C 27 3.85 -29.63 5.85
C THR C 27 3.20 -28.28 6.09
N ARG C 28 4.01 -27.34 6.59
CA ARG C 28 3.49 -26.02 6.93
C ARG C 28 2.94 -25.31 5.70
N ARG C 29 3.72 -25.25 4.62
CA ARG C 29 3.25 -24.57 3.42
C ARG C 29 2.09 -25.29 2.74
N LEU C 30 1.82 -26.54 3.11
CA LEU C 30 0.55 -27.16 2.75
C LEU C 30 -0.58 -26.66 3.67
N LEU C 31 -0.25 -26.40 4.94
CA LEU C 31 -1.26 -25.91 5.87
C LEU C 31 -1.68 -24.47 5.57
N ARG C 32 -0.79 -23.68 4.97
CA ARG C 32 -1.14 -22.31 4.60
C ARG C 32 -1.88 -22.27 3.28
N ALA C 33 -1.50 -23.13 2.33
CA ALA C 33 -2.16 -23.18 1.03
C ALA C 33 -3.54 -23.80 1.12
N LEU C 34 -3.82 -24.55 2.18
CA LEU C 34 -5.12 -25.16 2.41
C LEU C 34 -6.00 -24.33 3.34
N LYS C 35 -5.62 -23.09 3.64
CA LYS C 35 -6.34 -22.27 4.61
C LYS C 35 -7.61 -21.54 4.14
N PRO C 36 -7.92 -21.43 2.84
CA PRO C 36 -9.24 -20.89 2.49
C PRO C 36 -10.34 -21.93 2.46
N PHE C 37 -9.97 -23.21 2.55
CA PHE C 37 -10.88 -24.33 2.46
C PHE C 37 -10.94 -25.05 3.79
N LYS C 38 -11.88 -25.99 3.89
CA LYS C 38 -11.95 -26.89 5.03
C LYS C 38 -11.23 -28.19 4.65
N PHE C 39 -10.37 -28.66 5.54
CA PHE C 39 -9.54 -29.83 5.27
C PHE C 39 -9.46 -30.68 6.53
N HIS C 40 -9.05 -31.93 6.34
CA HIS C 40 -8.80 -32.84 7.46
C HIS C 40 -7.94 -33.99 6.97
N THR C 41 -7.24 -34.62 7.92
CA THR C 41 -6.41 -35.77 7.60
C THR C 41 -7.28 -36.89 7.02
N ALA C 42 -6.84 -37.44 5.90
CA ALA C 42 -7.65 -38.40 5.17
C ALA C 42 -7.86 -39.67 5.99
N ASP C 43 -9.12 -40.06 6.13
CA ASP C 43 -9.49 -41.33 6.74
C ASP C 43 -10.17 -42.21 5.70
N ARG C 44 -11.50 -42.15 5.61
CA ARG C 44 -12.24 -42.75 4.50
C ARG C 44 -12.66 -41.66 3.54
N VAL C 45 -12.61 -41.96 2.24
CA VAL C 45 -12.62 -40.92 1.22
C VAL C 45 -13.57 -41.34 0.09
N ASP C 46 -14.04 -40.34 -0.66
CA ASP C 46 -15.07 -40.46 -1.70
C ASP C 46 -14.94 -39.27 -2.63
N PRO C 47 -14.90 -39.48 -3.96
CA PRO C 47 -14.70 -38.35 -4.88
C PRO C 47 -15.86 -37.37 -4.94
N GLN C 48 -17.11 -37.83 -4.75
CA GLN C 48 -18.21 -36.91 -4.56
C GLN C 48 -18.08 -36.12 -3.26
N TYR C 49 -17.21 -36.57 -2.37
CA TYR C 49 -17.15 -36.10 -0.98
C TYR C 49 -15.89 -35.28 -0.71
N HIS C 50 -14.71 -35.85 -0.89
CA HIS C 50 -13.46 -35.19 -0.53
C HIS C 50 -12.58 -34.99 -1.76
N TYR C 51 -11.64 -34.06 -1.62
CA TYR C 51 -10.58 -33.87 -2.60
C TYR C 51 -9.28 -34.31 -1.94
N VAL C 52 -8.75 -35.46 -2.38
CA VAL C 52 -7.52 -35.99 -1.80
C VAL C 52 -6.34 -35.18 -2.27
N VAL C 53 -5.50 -34.76 -1.33
CA VAL C 53 -4.26 -34.06 -1.64
C VAL C 53 -3.12 -34.85 -1.02
N ALA C 54 -2.33 -35.51 -1.87
CA ALA C 54 -1.10 -36.13 -1.42
C ALA C 54 -0.01 -35.07 -1.34
N VAL C 55 0.82 -35.14 -0.29
CA VAL C 55 1.81 -34.10 -0.08
C VAL C 55 2.92 -34.21 -1.12
N THR C 56 3.65 -35.33 -1.13
CA THR C 56 4.77 -35.51 -2.06
C THR C 56 4.41 -36.55 -3.13
N ASP C 57 5.42 -36.99 -3.88
CA ASP C 57 5.22 -37.98 -4.93
C ASP C 57 5.24 -39.40 -4.37
N ASP C 58 6.22 -39.69 -3.50
CA ASP C 58 6.12 -40.86 -2.62
C ASP C 58 4.75 -40.93 -1.97
N ASP C 59 4.10 -39.78 -1.78
CA ASP C 59 2.75 -39.72 -1.20
C ASP C 59 1.68 -40.14 -2.19
N LEU C 60 1.92 -40.00 -3.50
CA LEU C 60 0.87 -40.26 -4.47
C LEU C 60 0.76 -41.74 -4.78
N THR C 61 1.90 -42.41 -5.04
CA THR C 61 1.91 -43.86 -5.15
C THR C 61 1.25 -44.51 -3.93
N ASP C 62 1.37 -43.86 -2.78
CA ASP C 62 0.67 -44.26 -1.57
C ASP C 62 -0.84 -44.35 -1.80
N PHE C 63 -1.45 -43.25 -2.27
CA PHE C 63 -2.91 -43.18 -2.40
C PHE C 63 -3.42 -44.03 -3.54
N LEU C 64 -2.70 -44.03 -4.68
CA LEU C 64 -3.16 -44.76 -5.85
C LEU C 64 -3.20 -46.27 -5.60
N SER C 65 -2.24 -46.78 -4.83
CA SER C 65 -2.21 -48.20 -4.47
C SER C 65 -3.30 -48.58 -3.47
N ASP C 66 -4.06 -47.61 -2.97
CA ASP C 66 -5.22 -47.87 -2.12
C ASP C 66 -6.45 -48.01 -3.00
N GLU C 67 -7.33 -48.93 -2.62
CA GLU C 67 -8.52 -49.26 -3.39
C GLU C 67 -9.50 -48.10 -3.51
N GLN C 68 -9.40 -47.10 -2.63
CA GLN C 68 -10.29 -45.94 -2.66
C GLN C 68 -9.91 -44.93 -3.73
N SER C 69 -8.76 -45.08 -4.38
CA SER C 69 -8.31 -44.15 -5.40
C SER C 69 -8.81 -44.46 -6.79
N LYS C 70 -9.46 -45.61 -6.98
CA LYS C 70 -9.87 -46.04 -8.32
C LYS C 70 -10.98 -45.17 -8.90
N SER C 71 -11.77 -44.52 -8.05
CA SER C 71 -12.85 -43.64 -8.49
C SER C 71 -12.41 -42.18 -8.62
N PHE C 72 -11.16 -41.87 -8.30
CA PHE C 72 -10.66 -40.50 -8.33
C PHE C 72 -9.91 -40.27 -9.65
N GLN C 73 -10.34 -39.26 -10.40
CA GLN C 73 -9.68 -38.91 -11.65
C GLN C 73 -8.43 -38.06 -11.35
N TYR C 74 -7.54 -37.98 -12.35
CA TYR C 74 -6.17 -37.52 -12.11
C TYR C 74 -6.13 -36.14 -11.46
N ALA C 75 -6.79 -35.15 -12.06
CA ALA C 75 -6.72 -33.78 -11.56
C ALA C 75 -8.05 -33.25 -11.03
N ASN C 76 -9.18 -33.81 -11.47
CA ASN C 76 -10.46 -33.39 -10.94
C ASN C 76 -10.71 -33.90 -9.52
N ASP C 77 -10.00 -34.97 -9.11
CA ASP C 77 -10.31 -35.65 -7.86
C ASP C 77 -9.11 -35.91 -6.95
N TYR C 78 -7.88 -35.70 -7.40
CA TYR C 78 -6.75 -35.70 -6.48
C TYR C 78 -5.63 -34.85 -7.06
N LEU C 79 -4.61 -34.61 -6.24
CA LEU C 79 -3.45 -33.84 -6.67
C LEU C 79 -2.30 -34.07 -5.71
N THR C 80 -1.09 -33.91 -6.23
CA THR C 80 0.12 -33.98 -5.43
C THR C 80 0.60 -32.57 -5.13
N PHE C 81 0.82 -32.27 -3.84
CA PHE C 81 1.23 -30.92 -3.46
C PHE C 81 2.68 -30.64 -3.82
N ASP C 82 3.60 -31.52 -3.43
CA ASP C 82 5.03 -31.35 -3.73
C ASP C 82 5.30 -31.76 -5.18
N ASP C 83 4.71 -31.00 -6.10
CA ASP C 83 4.89 -31.22 -7.52
C ASP C 83 4.49 -29.98 -8.30
N GLU C 84 5.18 -28.86 -8.04
CA GLU C 84 4.82 -27.61 -8.71
C GLU C 84 5.06 -27.66 -10.21
N GLY C 85 5.78 -28.67 -10.70
CA GLY C 85 6.11 -28.77 -12.11
C GLY C 85 5.33 -29.77 -12.92
N GLY C 86 4.44 -30.55 -12.32
CA GLY C 86 3.70 -31.55 -13.05
C GLY C 86 2.64 -30.95 -13.95
N GLU C 87 2.00 -31.82 -14.73
CA GLU C 87 1.09 -31.40 -15.77
C GLU C 87 -0.33 -31.21 -15.25
N LEU C 88 -1.09 -30.40 -15.98
CA LEU C 88 -2.49 -30.08 -15.71
C LEU C 88 -3.23 -30.01 -17.03
N PRO C 89 -4.53 -30.35 -17.05
CA PRO C 89 -5.29 -30.28 -18.31
C PRO C 89 -5.64 -28.87 -18.75
N PHE C 90 -5.21 -27.85 -18.01
CA PHE C 90 -5.54 -26.46 -18.32
C PHE C 90 -4.31 -25.60 -18.07
N GLU C 91 -4.35 -24.38 -18.63
CA GLU C 91 -3.25 -23.45 -18.47
C GLU C 91 -3.15 -22.98 -17.03
N ARG C 92 -1.93 -22.95 -16.50
CA ARG C 92 -1.69 -22.60 -15.10
C ARG C 92 -0.50 -21.65 -15.03
N MET C 93 -0.23 -21.15 -13.82
CA MET C 93 0.93 -20.33 -13.55
C MET C 93 1.94 -21.12 -12.71
N CYS C 94 3.22 -20.96 -13.01
CA CYS C 94 4.29 -21.54 -12.20
C CYS C 94 5.10 -20.38 -11.65
N PHE C 95 4.76 -19.96 -10.44
CA PHE C 95 5.06 -18.61 -9.95
C PHE C 95 4.31 -17.69 -10.90
N ASN C 96 4.95 -16.81 -11.65
CA ASN C 96 4.16 -16.00 -12.58
C ASN C 96 4.54 -16.27 -14.03
N VAL C 97 4.79 -17.53 -14.36
CA VAL C 97 5.18 -17.93 -15.71
C VAL C 97 4.07 -18.77 -16.32
N PRO C 98 3.62 -18.45 -17.53
CA PRO C 98 2.58 -19.27 -18.17
C PRO C 98 3.16 -20.60 -18.63
N VAL C 99 2.49 -21.69 -18.28
CA VAL C 99 2.86 -23.02 -18.73
C VAL C 99 1.60 -23.69 -19.28
N GLY C 100 1.73 -24.32 -20.44
CA GLY C 100 0.60 -24.86 -21.15
C GLY C 100 0.01 -26.07 -20.46
N ARG C 101 -0.91 -26.72 -21.19
CA ARG C 101 -1.57 -27.91 -20.69
C ARG C 101 -0.77 -29.16 -21.04
N GLN C 102 -0.85 -30.15 -20.17
CA GLN C 102 -0.09 -31.41 -20.31
C GLN C 102 1.39 -31.13 -20.53
N THR C 103 1.90 -30.20 -19.75
CA THR C 103 3.27 -29.73 -19.76
C THR C 103 3.87 -29.98 -18.38
N TYR C 104 5.05 -30.57 -18.33
CA TYR C 104 5.65 -30.88 -17.04
C TYR C 104 7.15 -30.62 -17.08
N PHE C 105 7.71 -30.34 -15.91
CA PHE C 105 9.13 -30.07 -15.78
C PHE C 105 9.55 -30.39 -14.35
N GLY C 106 10.85 -30.32 -14.10
CA GLY C 106 11.42 -30.64 -12.81
C GLY C 106 11.61 -29.40 -11.93
N ASP C 107 12.11 -29.67 -10.72
CA ASP C 107 12.33 -28.59 -9.77
C ASP C 107 13.38 -27.61 -10.29
N GLY C 108 14.33 -28.08 -11.11
CA GLY C 108 15.27 -27.18 -11.73
C GLY C 108 14.59 -26.13 -12.58
N VAL C 109 13.58 -26.54 -13.36
CA VAL C 109 12.84 -25.57 -14.15
C VAL C 109 11.91 -24.74 -13.26
N VAL C 110 11.45 -25.30 -12.15
CA VAL C 110 10.62 -24.51 -11.23
C VAL C 110 11.43 -23.39 -10.62
N GLY C 111 12.68 -23.66 -10.24
CA GLY C 111 13.54 -22.62 -9.71
C GLY C 111 13.83 -21.54 -10.74
N ALA C 112 13.97 -21.93 -12.00
CA ALA C 112 14.15 -20.95 -13.07
C ALA C 112 12.91 -20.09 -13.23
N CYS C 113 11.72 -20.68 -13.08
CA CYS C 113 10.49 -19.90 -13.08
C CYS C 113 10.43 -18.95 -11.89
N GLU C 114 11.05 -19.33 -10.77
CA GLU C 114 11.12 -18.45 -9.61
C GLU C 114 12.12 -17.32 -9.84
N ASN C 115 13.31 -17.66 -10.34
CA ASN C 115 14.39 -16.68 -10.54
C ASN C 115 14.08 -15.66 -11.63
N GLY C 116 12.93 -15.75 -12.30
CA GLY C 116 12.60 -14.85 -13.39
C GLY C 116 13.24 -15.19 -14.71
N TYR C 117 13.84 -16.39 -14.83
CA TYR C 117 14.54 -16.78 -16.04
C TYR C 117 13.60 -17.19 -17.17
N ILE C 118 12.37 -17.63 -16.85
CA ILE C 118 11.42 -18.14 -17.84
C ILE C 118 10.40 -17.06 -18.14
N LYS C 119 10.15 -16.82 -19.44
CA LYS C 119 9.05 -15.97 -19.85
C LYS C 119 7.76 -16.76 -20.02
N SER C 120 7.86 -17.95 -20.63
CA SER C 120 6.71 -18.81 -20.83
C SER C 120 7.21 -20.21 -21.17
N ILE C 121 6.32 -21.18 -21.00
CA ILE C 121 6.54 -22.56 -21.44
C ILE C 121 5.31 -22.98 -22.25
N GLY C 122 5.54 -23.57 -23.42
CA GLY C 122 4.47 -23.87 -24.36
C GLY C 122 3.51 -24.96 -23.95
N GLN C 123 2.75 -25.49 -24.90
CA GLN C 123 1.77 -26.54 -24.65
C GLN C 123 2.32 -27.90 -25.04
N PHE C 124 2.00 -28.92 -24.24
CA PHE C 124 2.45 -30.28 -24.49
C PHE C 124 3.98 -30.35 -24.59
N THR C 125 4.67 -29.73 -23.64
CA THR C 125 6.13 -29.78 -23.61
C THR C 125 6.60 -30.73 -22.51
N SER C 126 7.60 -31.54 -22.84
CA SER C 126 8.15 -32.55 -21.96
C SER C 126 9.57 -32.15 -21.58
N ILE C 127 9.75 -31.71 -20.33
CA ILE C 127 11.05 -31.38 -19.78
C ILE C 127 11.34 -32.36 -18.66
N ASN C 128 12.39 -33.16 -18.82
CA ASN C 128 12.78 -34.12 -17.80
C ASN C 128 13.04 -33.40 -16.47
N GLY C 129 12.82 -34.12 -15.37
CA GLY C 129 12.94 -33.51 -14.06
C GLY C 129 14.36 -33.08 -13.73
N THR C 130 15.35 -33.88 -14.12
CA THR C 130 16.75 -33.57 -13.85
C THR C 130 17.33 -32.51 -14.79
N ALA C 131 16.51 -31.93 -15.66
CA ALA C 131 16.95 -30.80 -16.47
C ALA C 131 17.13 -29.56 -15.60
N GLU C 132 17.93 -28.62 -16.10
CA GLU C 132 18.28 -27.43 -15.34
C GLU C 132 18.39 -26.22 -16.24
N ILE C 133 18.12 -25.04 -15.67
CA ILE C 133 18.28 -23.75 -16.35
C ILE C 133 18.96 -22.82 -15.35
N HIS C 134 20.23 -22.50 -15.60
CA HIS C 134 21.02 -21.64 -14.72
C HIS C 134 21.71 -20.57 -15.56
N ALA C 135 21.73 -19.35 -15.02
CA ALA C 135 22.45 -18.28 -15.67
C ALA C 135 23.93 -18.34 -15.27
N ASN C 136 24.72 -17.43 -15.82
CA ASN C 136 26.15 -17.36 -15.52
C ASN C 136 26.40 -16.26 -14.48
N ALA C 137 27.56 -16.35 -13.84
CA ALA C 137 28.03 -15.30 -12.98
C ALA C 137 28.77 -14.25 -13.81
N GLN C 138 29.28 -13.22 -13.15
CA GLN C 138 30.03 -12.17 -13.83
C GLN C 138 31.39 -12.71 -14.27
N LEU C 139 31.72 -12.49 -15.54
CA LEU C 139 32.96 -13.02 -16.12
C LEU C 139 34.01 -11.96 -16.41
N ASN C 140 33.61 -10.71 -16.64
CA ASN C 140 34.52 -9.58 -16.82
C ASN C 140 35.02 -9.01 -15.49
N MET C 141 35.31 -9.88 -14.52
CA MET C 141 35.33 -9.47 -13.13
C MET C 141 36.48 -10.09 -12.37
N THR C 142 37.07 -9.31 -11.45
CA THR C 142 38.10 -9.82 -10.55
C THR C 142 37.61 -11.05 -9.79
N PHE C 143 36.31 -11.21 -9.63
CA PHE C 143 35.74 -12.38 -8.97
C PHE C 143 34.64 -13.00 -9.80
N VAL C 144 34.36 -14.26 -9.48
CA VAL C 144 33.23 -14.99 -10.05
C VAL C 144 32.18 -15.32 -9.00
N SER C 145 32.49 -15.19 -7.71
CA SER C 145 31.54 -15.49 -6.66
C SER C 145 30.35 -14.53 -6.70
N ASP C 146 29.22 -15.01 -6.17
CA ASP C 146 27.99 -14.25 -6.10
C ASP C 146 27.53 -13.95 -4.68
N ASP C 147 27.99 -14.72 -3.69
CA ASP C 147 27.59 -14.50 -2.30
C ASP C 147 28.56 -13.61 -1.55
N ILE C 148 29.59 -13.09 -2.24
CA ILE C 148 30.32 -11.94 -1.72
C ILE C 148 29.40 -10.73 -1.63
N GLN C 149 28.34 -10.73 -2.43
CA GLN C 149 27.33 -9.68 -2.38
C GLN C 149 26.83 -9.43 -0.95
N ASN C 150 26.55 -10.52 -0.22
CA ASN C 150 26.10 -10.41 1.16
C ASN C 150 27.06 -9.60 2.03
N PHE C 151 28.25 -9.31 1.52
CA PHE C 151 29.26 -8.54 2.24
C PHE C 151 29.35 -7.09 1.83
N PHE C 152 28.76 -6.74 0.70
CA PHE C 152 28.76 -5.35 0.30
C PHE C 152 27.80 -4.57 1.19
N ASN C 153 28.15 -3.31 1.43
CA ASN C 153 27.24 -2.35 2.04
C ASN C 153 26.55 -1.57 0.93
N GLU C 154 25.58 -0.73 1.31
CA GLU C 154 24.75 -0.06 0.32
C GLU C 154 25.58 0.75 -0.67
N GLU C 155 26.77 1.22 -0.27
CA GLU C 155 27.64 1.92 -1.21
C GLU C 155 28.27 0.95 -2.20
N SER C 156 28.83 -0.14 -1.69
CA SER C 156 29.44 -1.15 -2.56
C SER C 156 28.42 -1.88 -3.43
N MET C 157 27.14 -1.89 -3.03
CA MET C 157 26.12 -2.53 -3.86
C MET C 157 25.88 -1.75 -5.14
N ALA C 158 25.78 -0.42 -5.05
CA ALA C 158 25.37 0.38 -6.19
C ALA C 158 26.36 0.23 -7.35
N VAL C 159 27.65 0.21 -7.06
CA VAL C 159 28.63 0.08 -8.13
C VAL C 159 28.67 -1.35 -8.67
N PHE C 160 28.29 -2.33 -7.85
CA PHE C 160 28.26 -3.71 -8.33
C PHE C 160 27.01 -4.02 -9.13
N GLN C 161 25.84 -3.60 -8.63
CA GLN C 161 24.60 -3.84 -9.38
C GLN C 161 24.59 -3.03 -10.67
N GLU C 162 25.15 -1.81 -10.64
CA GLU C 162 25.16 -0.96 -11.82
C GLU C 162 25.98 -1.58 -12.95
N LYS C 163 27.08 -2.24 -12.60
CA LYS C 163 27.94 -2.87 -13.61
C LYS C 163 27.26 -4.08 -14.23
N LEU C 164 26.69 -4.95 -13.39
CA LEU C 164 26.00 -6.15 -13.86
C LEU C 164 24.97 -5.84 -14.92
N ARG C 165 24.32 -4.67 -14.82
CA ARG C 165 23.30 -4.29 -15.80
C ARG C 165 23.92 -3.98 -17.16
N LYS C 166 25.08 -3.34 -17.18
CA LYS C 166 25.69 -2.96 -18.45
C LYS C 166 26.34 -4.13 -19.15
N ASP C 167 26.71 -5.18 -18.43
CA ASP C 167 27.39 -6.35 -19.00
C ASP C 167 26.54 -6.96 -20.11
N PRO C 168 27.02 -6.88 -21.37
CA PRO C 168 26.26 -7.49 -22.48
C PRO C 168 26.34 -9.00 -22.50
N LYS C 169 27.24 -9.60 -21.72
CA LYS C 169 27.24 -11.05 -21.56
C LYS C 169 26.10 -11.52 -20.66
N HIS C 170 25.52 -10.60 -19.89
CA HIS C 170 24.30 -10.85 -19.13
C HIS C 170 24.45 -11.85 -17.99
N PRO C 171 25.32 -11.59 -17.01
CA PRO C 171 25.32 -12.44 -15.81
C PRO C 171 23.99 -12.36 -15.08
N TYR C 172 23.51 -13.52 -14.62
CA TYR C 172 22.23 -13.68 -13.92
C TYR C 172 21.06 -13.16 -14.76
N ALA C 173 21.22 -13.13 -16.08
CA ALA C 173 20.17 -12.68 -17.01
C ALA C 173 19.77 -11.23 -16.74
N TYR C 174 20.78 -10.34 -16.67
CA TYR C 174 20.59 -8.97 -16.17
C TYR C 174 20.45 -7.98 -17.32
N SER C 175 19.20 -7.57 -17.59
CA SER C 175 18.76 -6.68 -18.67
C SER C 175 18.63 -7.44 -19.99
N LYS C 176 18.14 -8.67 -19.91
CA LYS C 176 17.76 -9.45 -21.08
C LYS C 176 16.29 -9.83 -21.01
N GLU C 177 15.80 -10.41 -22.09
CA GLU C 177 14.44 -10.90 -22.00
C GLU C 177 14.44 -12.32 -21.44
N PRO C 178 13.47 -12.65 -20.59
CA PRO C 178 13.39 -14.02 -20.08
C PRO C 178 13.14 -14.99 -21.23
N MET C 179 13.74 -16.16 -21.13
CA MET C 179 13.66 -17.15 -22.20
C MET C 179 12.24 -17.68 -22.34
N THR C 180 11.90 -18.07 -23.56
CA THR C 180 10.61 -18.68 -23.86
C THR C 180 10.85 -20.11 -24.32
N ILE C 181 9.96 -21.01 -23.92
CA ILE C 181 10.02 -22.42 -24.31
C ILE C 181 8.79 -22.72 -25.14
N GLY C 182 8.99 -23.21 -26.36
CA GLY C 182 7.91 -23.45 -27.27
C GLY C 182 7.06 -24.64 -26.88
N SER C 183 6.13 -24.96 -27.76
CA SER C 183 5.23 -26.09 -27.56
C SER C 183 5.79 -27.33 -28.24
N ASP C 184 5.35 -28.49 -27.76
CA ASP C 184 5.79 -29.78 -28.27
C ASP C 184 7.31 -29.95 -28.14
N VAL C 185 7.86 -29.43 -27.05
CA VAL C 185 9.31 -29.43 -26.82
C VAL C 185 9.67 -30.60 -25.92
N TYR C 186 10.69 -31.35 -26.32
CA TYR C 186 11.21 -32.48 -25.56
C TYR C 186 12.62 -32.14 -25.06
N ILE C 187 12.83 -32.25 -23.75
CA ILE C 187 14.11 -31.95 -23.12
C ILE C 187 14.58 -33.21 -22.41
N GLY C 188 15.75 -33.70 -22.79
CA GLY C 188 16.28 -34.92 -22.22
C GLY C 188 16.78 -34.73 -20.79
N ALA C 189 17.08 -35.86 -20.16
CA ALA C 189 17.57 -35.85 -18.80
C ALA C 189 18.91 -35.14 -18.72
N HIS C 190 19.08 -34.32 -17.69
CA HIS C 190 20.40 -33.85 -17.30
C HIS C 190 20.98 -32.83 -18.24
N ALA C 191 20.10 -32.15 -18.94
CA ALA C 191 20.53 -31.15 -19.89
C ALA C 191 20.79 -29.84 -19.18
N PHE C 192 21.17 -28.84 -19.96
CA PHE C 192 21.41 -27.54 -19.38
C PHE C 192 21.19 -26.47 -20.44
N ILE C 193 20.37 -25.49 -20.10
CA ILE C 193 20.12 -24.38 -20.99
C ILE C 193 20.69 -23.15 -20.31
N ASN C 194 21.35 -22.28 -21.05
CA ASN C 194 21.96 -21.12 -20.45
C ASN C 194 21.04 -19.94 -20.41
N ALA C 195 20.65 -19.57 -19.20
CA ALA C 195 19.75 -18.46 -19.03
C ALA C 195 20.49 -17.17 -19.29
N SER C 196 21.78 -17.27 -19.56
CA SER C 196 22.53 -16.04 -19.81
C SER C 196 22.86 -15.82 -21.28
N THR C 197 22.38 -16.69 -22.19
CA THR C 197 22.61 -16.49 -23.61
C THR C 197 21.43 -16.97 -24.46
N VAL C 198 20.55 -17.79 -23.90
CA VAL C 198 19.44 -18.33 -24.66
C VAL C 198 18.17 -17.57 -24.31
N THR C 199 17.36 -17.29 -25.32
CA THR C 199 16.12 -16.55 -25.15
C THR C 199 14.90 -17.24 -25.74
N SER C 200 15.07 -18.28 -26.55
CA SER C 200 13.94 -18.91 -27.22
C SER C 200 14.30 -20.34 -27.58
N ILE C 201 13.51 -21.30 -27.08
CA ILE C 201 13.55 -22.69 -27.52
C ILE C 201 12.41 -22.89 -28.51
N GLY C 202 12.76 -23.17 -29.77
CA GLY C 202 11.74 -23.23 -30.81
C GLY C 202 10.69 -24.28 -30.55
N ASP C 203 9.51 -24.06 -31.14
CA ASP C 203 8.41 -25.01 -31.01
C ASP C 203 8.82 -26.36 -31.56
N GLY C 204 8.52 -27.42 -30.80
CA GLY C 204 8.87 -28.75 -31.24
C GLY C 204 10.34 -29.09 -31.17
N ALA C 205 11.15 -28.29 -30.49
CA ALA C 205 12.57 -28.55 -30.40
C ALA C 205 12.86 -29.68 -29.42
N ILE C 206 13.77 -30.57 -29.82
CA ILE C 206 14.19 -31.69 -28.99
C ILE C 206 15.61 -31.41 -28.49
N ILE C 207 15.84 -31.63 -27.21
CA ILE C 207 17.16 -31.49 -26.62
C ILE C 207 17.56 -32.83 -26.04
N GLY C 208 18.57 -33.45 -26.62
CA GLY C 208 19.00 -34.76 -26.18
C GLY C 208 19.51 -34.75 -24.75
N SER C 209 19.61 -35.94 -24.18
CA SER C 209 20.09 -36.06 -22.81
C SER C 209 21.56 -35.68 -22.72
N GLY C 210 21.93 -35.13 -21.57
CA GLY C 210 23.31 -34.73 -21.32
C GLY C 210 23.80 -33.59 -22.20
N ALA C 211 22.90 -32.94 -22.92
CA ALA C 211 23.26 -31.84 -23.82
C ALA C 211 23.31 -30.52 -23.06
N VAL C 212 24.33 -29.72 -23.35
CA VAL C 212 24.48 -28.39 -22.78
C VAL C 212 24.15 -27.39 -23.88
N VAL C 213 23.14 -26.55 -23.64
CA VAL C 213 22.59 -25.67 -24.67
C VAL C 213 22.99 -24.24 -24.35
N LEU C 214 23.69 -23.59 -25.28
CA LEU C 214 24.29 -22.29 -25.05
C LEU C 214 23.64 -21.17 -25.83
N GLU C 215 23.01 -21.49 -26.95
CA GLU C 215 22.37 -20.51 -27.82
C GLU C 215 20.93 -20.92 -28.06
N ASN C 216 20.18 -20.06 -28.74
CA ASN C 216 18.80 -20.39 -29.06
C ASN C 216 18.74 -21.62 -29.96
N VAL C 217 17.61 -22.31 -29.93
CA VAL C 217 17.35 -23.42 -30.84
C VAL C 217 16.17 -23.05 -31.74
N PRO C 218 16.36 -22.96 -33.05
CA PRO C 218 15.22 -22.79 -33.96
C PRO C 218 14.25 -23.94 -33.83
N PRO C 219 13.02 -23.80 -34.34
CA PRO C 219 12.00 -24.80 -34.07
C PRO C 219 12.25 -26.12 -34.80
N PHE C 220 11.84 -27.21 -34.14
CA PHE C 220 11.91 -28.56 -34.71
C PHE C 220 13.34 -28.95 -35.06
N ALA C 221 14.30 -28.46 -34.28
CA ALA C 221 15.69 -28.86 -34.37
C ALA C 221 16.05 -29.69 -33.15
N VAL C 222 16.83 -30.75 -33.36
CA VAL C 222 17.31 -31.62 -32.29
C VAL C 222 18.76 -31.26 -32.00
N VAL C 223 19.11 -31.21 -30.71
CA VAL C 223 20.46 -30.88 -30.29
C VAL C 223 20.94 -31.92 -29.27
N VAL C 224 22.20 -32.35 -29.40
CA VAL C 224 22.84 -33.29 -28.49
C VAL C 224 24.30 -32.90 -28.32
N GLY C 225 24.94 -33.49 -27.31
CA GLY C 225 26.36 -33.31 -27.10
C GLY C 225 26.71 -32.16 -26.17
N VAL C 226 28.01 -32.07 -25.85
CA VAL C 226 28.54 -31.00 -25.00
C VAL C 226 29.65 -30.26 -25.75
N PRO C 227 29.39 -29.07 -26.29
CA PRO C 227 28.12 -28.34 -26.30
C PRO C 227 27.13 -28.86 -27.33
N ALA C 228 25.91 -28.31 -27.32
CA ALA C 228 24.85 -28.82 -28.18
C ALA C 228 25.09 -28.42 -29.63
N ARG C 229 24.98 -29.39 -30.52
CA ARG C 229 25.03 -29.17 -31.96
C ARG C 229 23.74 -29.67 -32.59
N ILE C 230 23.38 -29.11 -33.73
CA ILE C 230 22.16 -29.51 -34.42
C ILE C 230 22.44 -30.83 -35.15
N LYS C 231 21.81 -31.91 -34.66
CA LYS C 231 22.02 -33.25 -35.23
C LYS C 231 21.17 -33.45 -36.49
N ARG C 232 19.88 -33.11 -36.41
CA ARG C 232 18.98 -33.20 -37.55
C ARG C 232 17.84 -32.23 -37.32
N TYR C 233 16.88 -32.23 -38.24
CA TYR C 233 15.62 -31.55 -38.04
C TYR C 233 14.50 -32.58 -37.95
N ARG C 234 13.54 -32.32 -37.06
CA ARG C 234 12.44 -33.25 -36.86
C ARG C 234 11.68 -33.48 -38.17
N PHE C 235 11.41 -32.41 -38.91
CA PHE C 235 10.66 -32.49 -40.15
C PHE C 235 11.36 -31.70 -41.25
N SER C 236 10.99 -32.03 -42.48
CA SER C 236 11.26 -31.15 -43.60
C SER C 236 10.63 -29.79 -43.32
N LYS C 237 11.34 -28.72 -43.68
CA LYS C 237 10.82 -27.40 -43.36
C LYS C 237 9.56 -27.03 -44.15
N GLU C 238 9.09 -27.92 -45.04
CA GLU C 238 7.71 -27.82 -45.51
C GLU C 238 6.74 -27.97 -44.35
N MET C 239 6.99 -28.96 -43.49
CA MET C 239 6.16 -29.14 -42.31
C MET C 239 6.38 -28.05 -41.29
N ILE C 240 7.64 -27.62 -41.11
CA ILE C 240 7.97 -26.67 -40.05
C ILE C 240 7.24 -25.35 -40.27
N GLU C 241 7.13 -24.92 -41.53
CA GLU C 241 6.35 -23.73 -41.82
C GLU C 241 4.88 -23.95 -41.51
N THR C 242 4.34 -25.10 -41.90
CA THR C 242 2.90 -25.36 -41.72
C THR C 242 2.57 -25.60 -40.24
N LEU C 243 3.46 -26.24 -39.49
CA LEU C 243 3.19 -26.43 -38.08
C LEU C 243 3.16 -25.10 -37.33
N LEU C 244 3.94 -24.12 -37.78
CA LEU C 244 3.93 -22.81 -37.17
C LEU C 244 2.76 -21.94 -37.61
N ARG C 245 2.10 -22.28 -38.72
CA ARG C 245 0.80 -21.68 -38.99
C ARG C 245 -0.34 -22.48 -38.36
N VAL C 246 -0.25 -23.82 -38.40
CA VAL C 246 -1.34 -24.64 -37.86
C VAL C 246 -1.46 -24.46 -36.36
N LYS C 247 -0.34 -24.56 -35.64
CA LYS C 247 -0.30 -24.50 -34.17
C LYS C 247 -1.32 -25.46 -33.57
N TRP C 248 -1.13 -26.74 -33.90
CA TRP C 248 -2.00 -27.80 -33.39
C TRP C 248 -1.98 -27.88 -31.86
N TRP C 249 -0.91 -27.38 -31.23
CA TRP C 249 -0.81 -27.37 -29.78
C TRP C 249 -1.83 -26.46 -29.13
N ASP C 250 -2.37 -25.49 -29.87
CA ASP C 250 -3.40 -24.61 -29.36
C ASP C 250 -4.80 -25.13 -29.62
N TRP C 251 -4.93 -26.28 -30.29
CA TRP C 251 -6.22 -26.95 -30.38
C TRP C 251 -6.66 -27.41 -28.98
N SER C 252 -7.94 -27.25 -28.68
CA SER C 252 -8.49 -27.91 -27.52
C SER C 252 -8.75 -29.38 -27.86
N ILE C 253 -9.33 -30.09 -26.89
CA ILE C 253 -9.54 -31.52 -26.98
C ILE C 253 -10.44 -31.89 -28.15
N GLU C 254 -11.14 -30.92 -28.72
CA GLU C 254 -12.02 -31.16 -29.86
C GLU C 254 -11.22 -31.61 -31.09
N GLU C 255 -10.39 -30.73 -31.64
CA GLU C 255 -9.66 -31.08 -32.86
C GLU C 255 -8.47 -32.01 -32.61
N ILE C 256 -8.07 -32.20 -31.35
CA ILE C 256 -7.01 -33.17 -31.06
C ILE C 256 -7.51 -34.58 -31.30
N ASN C 257 -8.76 -34.86 -30.91
CA ASN C 257 -9.32 -36.21 -31.07
C ASN C 257 -9.80 -36.46 -32.50
N GLU C 258 -10.36 -35.43 -33.14
CA GLU C 258 -10.83 -35.57 -34.51
C GLU C 258 -9.66 -35.78 -35.47
N ASN C 259 -8.66 -34.90 -35.43
CA ASN C 259 -7.50 -34.97 -36.30
C ASN C 259 -6.45 -35.92 -35.80
N VAL C 260 -6.82 -36.91 -34.98
CA VAL C 260 -5.80 -37.80 -34.43
C VAL C 260 -5.06 -38.51 -35.54
N ASP C 261 -5.74 -38.84 -36.65
CA ASP C 261 -5.07 -39.45 -37.78
C ASP C 261 -3.98 -38.55 -38.34
N ALA C 262 -4.30 -37.27 -38.55
CA ALA C 262 -3.29 -36.30 -38.99
C ALA C 262 -2.17 -36.19 -37.97
N LEU C 263 -2.51 -36.12 -36.69
CA LEU C 263 -1.50 -36.13 -35.63
C LEU C 263 -0.81 -37.49 -35.50
N ILE C 264 -1.27 -38.52 -36.22
CA ILE C 264 -0.71 -39.86 -36.11
C ILE C 264 -0.04 -40.33 -37.39
N SER C 265 -0.18 -39.60 -38.48
CA SER C 265 0.70 -39.79 -39.63
C SER C 265 1.17 -38.41 -40.05
N PRO C 266 2.45 -38.08 -39.83
CA PRO C 266 3.01 -36.88 -40.45
C PRO C 266 2.60 -36.75 -41.91
N GLU C 267 2.70 -37.84 -42.66
CA GLU C 267 2.18 -37.86 -44.03
C GLU C 267 0.72 -37.43 -44.08
N LEU C 268 -0.10 -37.92 -43.14
CA LEU C 268 -1.51 -37.55 -43.13
C LEU C 268 -1.72 -36.11 -42.64
N PHE C 269 -0.81 -35.59 -41.81
CA PHE C 269 -0.99 -34.24 -41.29
C PHE C 269 -0.86 -33.19 -42.39
N MET C 270 0.07 -33.39 -43.32
CA MET C 270 0.28 -32.41 -44.38
C MET C 270 -0.57 -32.67 -45.60
N LYS C 271 -1.00 -33.92 -45.84
CA LYS C 271 -2.00 -34.18 -46.87
C LYS C 271 -3.30 -33.45 -46.57
N LYS C 272 -3.52 -33.05 -45.31
CA LYS C 272 -4.72 -32.35 -44.88
C LYS C 272 -4.49 -30.85 -44.66
N TYR C 273 -3.34 -30.45 -44.09
CA TYR C 273 -3.09 -29.05 -43.74
C TYR C 273 -2.15 -28.34 -44.71
N GLY C 274 -1.41 -29.08 -45.54
CA GLY C 274 -0.46 -28.47 -46.46
C GLY C 274 -1.07 -27.49 -47.44
C11 TOY D . 11.71 7.07 41.93
O11 TOY D . 12.95 6.31 41.92
C21 TOY D . 10.85 6.59 43.09
N21 TOY D . 11.54 6.79 44.37
C31 TOY D . 10.50 5.11 42.89
C41 TOY D . 9.78 4.95 41.56
O41 TOY D . 9.48 3.56 41.33
C51 TOY D . 10.69 5.42 40.45
O51 TOY D . 11.01 6.83 40.67
C61 TOY D . 10.03 5.12 39.10
N61 TOY D . 10.93 5.49 37.99
C12 TOY D . 16.57 7.24 39.72
N12 TOY D . 17.49 7.49 38.60
C22 TOY D . 15.78 5.99 39.45
C32 TOY D . 14.87 5.55 40.59
N32 TOY D . 14.18 4.30 40.24
C42 TOY D . 13.88 6.68 40.83
C52 TOY D . 14.62 8.03 41.12
O52 TOY D . 13.71 9.14 41.26
C62 TOY D . 15.58 8.40 39.98
O62 TOY D . 16.28 9.67 40.25
C13 TOY D . 16.47 10.44 39.03
C23 TOY D . 17.56 11.50 39.16
O23 TOY D . 18.82 10.90 39.46
C33 TOY D . 17.25 12.41 40.32
N33 TOY D . 18.30 13.42 40.51
C43 TOY D . 15.93 13.07 40.07
O43 TOY D . 15.64 13.91 41.18
C53 TOY D . 14.85 11.99 39.93
O53 TOY D . 15.19 11.11 38.83
C63 TOY D . 13.49 12.64 39.67
O63 TOY D . 13.55 13.38 38.45
C1 EDO E . 21.97 27.19 13.42
O1 EDO E . 20.88 26.95 14.31
C2 EDO E . 21.68 28.38 12.50
O2 EDO E . 21.03 29.43 13.23
C11 TOY F . -15.45 -3.09 -23.60
O11 TOY F . -16.40 -4.17 -23.40
C21 TOY F . -14.46 -3.51 -24.67
N21 TOY F . -15.16 -3.79 -25.93
C31 TOY F . -13.70 -4.75 -24.20
C41 TOY F . -13.00 -4.41 -22.91
O41 TOY F . -12.31 -5.57 -22.43
C51 TOY F . -14.03 -3.99 -21.89
O51 TOY F . -14.76 -2.82 -22.36
C61 TOY F . -13.37 -3.78 -20.52
N61 TOY F . -14.37 -3.48 -19.49
C12 TOY F . -20.19 -4.07 -21.34
N12 TOY F . -21.18 -3.96 -20.27
C22 TOY F . -19.07 -4.97 -20.91
C32 TOY F . -18.06 -5.25 -21.97
N32 TOY F . -17.03 -6.16 -21.44
C42 TOY F . -17.41 -3.93 -22.37
C52 TOY F . -18.53 -2.93 -22.85
O52 TOY F . -18.00 -1.64 -23.22
C62 TOY F . -19.56 -2.72 -21.74
O62 TOY F . -20.60 -1.79 -22.16
C13 TOY F . -21.07 -0.96 -21.06
C23 TOY F . -22.45 -0.38 -21.33
O23 TOY F . -23.41 -1.41 -21.50
C33 TOY F . -22.40 0.39 -22.63
N33 TOY F . -23.73 0.92 -23.00
C43 TOY F . -21.40 1.50 -22.52
O43 TOY F . -21.32 2.15 -23.78
C53 TOY F . -20.03 0.88 -22.20
O53 TOY F . -20.08 0.13 -20.96
C63 TOY F . -18.97 2.00 -22.15
O63 TOY F . -19.32 2.94 -21.14
N1A COA G . -5.21 4.31 -37.02
C2A COA G . -4.03 4.76 -37.56
N3A COA G . -3.39 4.07 -38.57
C4A COA G . -3.92 2.92 -39.01
C5A COA G . -5.08 2.49 -38.48
C6A COA G . -5.70 3.16 -37.51
N6A COA G . -6.81 2.65 -37.05
N7A COA G . -5.39 1.36 -39.08
C8A COA G . -4.47 1.10 -39.99
N9A COA G . -3.52 2.06 -39.94
C1B COA G . -2.28 2.14 -40.82
C2B COA G . -0.90 2.05 -40.04
O2B COA G . 0.15 1.92 -41.00
C3B COA G . -1.36 0.73 -39.56
O3B COA G . -0.28 0.03 -38.85
P3B COA G . -0.03 -0.14 -37.26
O7A COA G . 1.10 0.75 -36.94
O8A COA G . 0.26 -1.58 -37.19
O9A COA G . -1.29 0.30 -36.65
C4B COA G . -1.61 -0.18 -40.84
O4B COA G . -1.89 1.08 -41.61
C5B COA G . -2.06 -1.35 -39.88
O5B COA G . -2.64 -1.06 -38.57
P1A COA G . -2.82 -2.38 -37.63
O1A COA G . -2.24 -3.50 -38.40
O2A COA G . -2.29 -2.14 -36.28
O3A COA G . -4.34 -2.91 -37.41
P2A COA G . -5.19 -2.73 -36.01
O4A COA G . -4.55 -1.70 -35.18
O5A COA G . -5.36 -4.08 -35.45
O6A COA G . -6.65 -2.10 -36.25
CBP COA G . -7.98 -0.99 -34.60
CCP COA G . -7.06 -0.81 -35.83
CDP COA G . -7.14 -1.61 -33.50
CEP COA G . -9.16 -1.91 -34.93
CAP COA G . -8.45 0.40 -34.20
OAP COA G . -9.06 0.95 -35.35
C9P COA G . -9.44 0.51 -33.03
O9P COA G . -10.31 1.56 -33.16
N8P COA G . -9.45 -0.36 -32.00
C7P COA G . -10.44 -0.18 -30.92
C6P COA G . -10.05 1.12 -30.21
C5P COA G . -11.07 1.48 -29.14
O5P COA G . -10.97 2.53 -28.50
N4P COA G . -12.06 0.61 -29.04
C3P COA G . -13.16 0.73 -28.07
C2P COA G . -13.51 -0.65 -27.55
S1P COA G . -14.89 -0.59 -26.37
C11 TOY H . 22.88 -19.57 -7.19
O11 TOY H . 23.28 -18.87 -5.97
C21 TOY H . 23.77 -19.14 -8.36
N21 TOY H . 25.18 -19.46 -8.09
C31 TOY H . 23.58 -17.64 -8.58
C41 TOY H . 22.11 -17.37 -8.86
O41 TOY H . 21.89 -15.96 -9.06
C51 TOY H . 21.28 -17.82 -7.67
O51 TOY H . 21.48 -19.25 -7.48
C61 TOY H . 19.81 -17.45 -7.91
N61 TOY H . 18.98 -17.84 -6.76
C12 TOY H . 22.29 -19.89 -1.85
N12 TOY H . 21.53 -20.14 -0.62
C22 TOY H . 21.87 -18.57 -2.44
C32 TOY H . 22.69 -18.15 -3.65
N32 TOY H . 22.27 -16.81 -4.10
C42 TOY H . 22.53 -19.22 -4.75
C52 TOY H . 22.92 -20.63 -4.21
O52 TOY H . 22.71 -21.70 -5.16
C62 TOY H . 22.13 -20.98 -2.94
O62 TOY H . 22.52 -22.30 -2.44
C13 TOY H . 21.40 -22.99 -1.86
C23 TOY H . 21.87 -24.13 -0.96
O23 TOY H . 22.69 -23.62 0.10
C33 TOY H . 22.73 -25.09 -1.75
N33 TOY H . 23.21 -26.15 -0.86
C43 TOY H . 21.94 -25.65 -2.88
O43 TOY H . 22.74 -26.57 -3.65
C53 TOY H . 21.48 -24.50 -3.77
O53 TOY H . 20.66 -23.56 -2.99
C63 TOY H . 20.81 -25.05 -5.05
O63 TOY H . 19.69 -25.85 -4.71
#